data_4OFS
#
_entry.id   4OFS
#
_cell.length_a   107.151
_cell.length_b   107.151
_cell.length_c   238.618
_cell.angle_alpha   90.00
_cell.angle_beta   90.00
_cell.angle_gamma   120.00
#
_symmetry.space_group_name_H-M   'P 32 2 1'
#
_entity_poly.entity_id   1
_entity_poly.type   'polypeptide(L)'
_entity_poly.pdbx_seq_one_letter_code
;MAPGREEILEMHGLRRIIFDKMTKAKQIMPHFTVMEEVDVTSMVSILDSAKARNRKVTVTGFLARIVPSILKQYPYLNAI
YDETRRVYILKKYYNIGIAVDTPDGLNVFVIKDADRKSMVEISAEISDKASRARENKLQLDEVQDSTFTITNVGTIGGIM
STPIINYPEVAILGVHRILEREGRKYMYLSLSCDHRLIDGAVATRFIVDLKKVIEDPNA
;
_entity_poly.pdbx_strand_id   A,B,C,D,E,F
#
# COMPACT_ATOMS: atom_id res chain seq x y z
N GLU A 6 -24.95 21.78 3.82
CA GLU A 6 -24.77 21.80 2.33
C GLU A 6 -24.87 23.22 1.78
N GLU A 7 -24.11 23.49 0.72
CA GLU A 7 -23.90 24.86 0.17
C GLU A 7 -24.48 25.10 -1.26
N ILE A 8 -24.27 26.30 -1.81
CA ILE A 8 -24.95 26.74 -3.04
C ILE A 8 -23.97 27.50 -3.97
N LEU A 9 -24.53 28.45 -4.74
CA LEU A 9 -23.86 29.60 -5.46
C LEU A 9 -24.23 29.72 -6.98
N GLU A 10 -23.73 30.74 -7.70
CA GLU A 10 -24.03 30.98 -9.14
C GLU A 10 -22.77 30.98 -10.05
N MET A 11 -22.96 30.80 -11.35
CA MET A 11 -21.82 30.57 -12.28
C MET A 11 -20.86 31.74 -12.56
N HIS A 12 -19.59 31.48 -12.26
CA HIS A 12 -18.47 32.45 -12.22
C HIS A 12 -17.95 32.85 -13.57
N GLY A 13 -17.52 34.10 -13.72
CA GLY A 13 -16.82 34.62 -14.92
C GLY A 13 -16.01 33.65 -15.78
N LEU A 14 -14.89 33.14 -15.25
CA LEU A 14 -14.04 32.16 -15.96
C LEU A 14 -14.73 30.80 -16.07
N ARG A 15 -15.07 30.23 -14.92
CA ARG A 15 -15.79 28.97 -14.85
C ARG A 15 -17.01 28.91 -15.79
N ARG A 16 -17.71 30.05 -15.94
CA ARG A 16 -18.87 30.16 -16.81
C ARG A 16 -18.48 30.12 -18.28
N ILE A 17 -17.30 30.64 -18.61
CA ILE A 17 -16.86 30.63 -20.01
C ILE A 17 -16.60 29.20 -20.45
N ILE A 18 -16.05 28.42 -19.53
CA ILE A 18 -15.82 27.00 -19.77
C ILE A 18 -17.15 26.23 -19.75
N PHE A 19 -17.97 26.47 -18.73
CA PHE A 19 -19.34 25.95 -18.68
C PHE A 19 -19.99 26.02 -20.06
N ASP A 20 -20.15 27.24 -20.60
CA ASP A 20 -20.80 27.45 -21.89
C ASP A 20 -20.03 26.72 -22.98
N LYS A 21 -18.69 26.88 -23.00
CA LYS A 21 -17.82 26.30 -24.04
C LYS A 21 -17.99 24.79 -24.14
N MET A 22 -18.08 24.14 -22.98
CA MET A 22 -18.16 22.68 -22.91
C MET A 22 -19.53 22.15 -23.28
N THR A 23 -20.57 22.90 -22.95
CA THR A 23 -21.91 22.52 -23.36
C THR A 23 -21.98 22.65 -24.87
N LYS A 24 -21.52 23.78 -25.41
CA LYS A 24 -21.47 23.98 -26.87
C LYS A 24 -20.34 23.15 -27.53
N ALA A 25 -19.52 22.49 -26.73
CA ALA A 25 -18.57 21.52 -27.28
C ALA A 25 -19.25 20.20 -27.71
N LYS A 26 -19.55 19.31 -26.75
CA LYS A 26 -20.30 18.04 -27.01
C LYS A 26 -21.83 18.30 -27.04
N GLN A 27 -22.19 19.48 -27.55
CA GLN A 27 -23.56 19.77 -27.90
C GLN A 27 -23.63 19.87 -29.41
N ILE A 28 -22.69 20.57 -30.05
CA ILE A 28 -22.58 20.52 -31.52
C ILE A 28 -21.77 19.30 -32.02
N MET A 29 -20.67 18.97 -31.35
CA MET A 29 -19.70 17.97 -31.87
C MET A 29 -19.81 16.55 -31.25
N PRO A 30 -20.18 15.58 -32.07
CA PRO A 30 -20.19 14.20 -31.60
C PRO A 30 -18.76 13.76 -31.35
N HIS A 31 -18.49 13.22 -30.17
CA HIS A 31 -17.12 12.79 -29.82
C HIS A 31 -16.72 11.39 -30.20
N PHE A 32 -15.52 11.30 -30.80
CA PHE A 32 -14.80 10.04 -31.00
C PHE A 32 -13.37 10.13 -30.46
N THR A 33 -13.00 9.18 -29.62
CA THR A 33 -11.68 9.18 -29.03
C THR A 33 -11.02 7.86 -29.38
N VAL A 34 -9.70 7.89 -29.62
CA VAL A 34 -8.83 6.68 -29.79
C VAL A 34 -7.68 6.64 -28.79
N MET A 35 -7.18 5.45 -28.48
CA MET A 35 -5.98 5.27 -27.64
C MET A 35 -4.89 4.35 -28.23
N GLU A 36 -3.69 4.89 -28.41
CA GLU A 36 -2.55 4.12 -28.90
C GLU A 36 -1.44 4.17 -27.88
N GLU A 37 -0.85 3.01 -27.60
CA GLU A 37 0.20 2.95 -26.62
C GLU A 37 1.46 3.38 -27.29
N VAL A 38 2.31 4.05 -26.51
CA VAL A 38 3.60 4.47 -27.02
C VAL A 38 4.76 4.08 -26.08
N ASP A 39 5.90 3.72 -26.69
CA ASP A 39 7.15 3.47 -25.99
C ASP A 39 7.88 4.80 -25.96
N VAL A 40 7.97 5.37 -24.76
CA VAL A 40 8.56 6.68 -24.58
C VAL A 40 9.99 6.55 -24.09
N THR A 41 10.52 5.33 -24.08
CA THR A 41 11.84 5.05 -23.52
C THR A 41 12.89 5.86 -24.27
N SER A 42 12.83 5.81 -25.59
CA SER A 42 13.66 6.63 -26.45
C SER A 42 13.40 8.11 -26.20
N MET A 43 12.16 8.43 -25.84
CA MET A 43 11.78 9.81 -25.54
C MET A 43 12.33 10.22 -24.17
N VAL A 44 12.08 9.39 -23.16
CA VAL A 44 12.43 9.71 -21.79
C VAL A 44 13.86 10.23 -21.66
N SER A 45 14.82 9.52 -22.24
CA SER A 45 16.23 9.89 -22.06
C SER A 45 16.67 11.11 -22.88
N ILE A 46 15.98 11.41 -23.99
CA ILE A 46 16.25 12.68 -24.68
C ILE A 46 15.72 13.82 -23.81
N LEU A 47 14.78 13.47 -22.92
CA LEU A 47 14.32 14.38 -21.87
C LEU A 47 15.37 14.50 -20.77
N ASP A 48 15.95 13.38 -20.38
CA ASP A 48 16.94 13.38 -19.30
C ASP A 48 18.30 13.94 -19.72
N SER A 49 18.60 13.90 -21.02
CA SER A 49 19.90 14.37 -21.55
C SER A 49 19.91 15.88 -21.80
N ALA A 50 18.81 16.40 -22.32
CA ALA A 50 18.62 17.84 -22.45
C ALA A 50 17.99 18.44 -21.19
N LYS A 51 17.84 17.64 -20.14
CA LYS A 51 17.52 18.13 -18.81
C LYS A 51 18.80 18.62 -18.16
N ALA A 52 19.90 17.93 -18.46
CA ALA A 52 21.19 18.22 -17.85
C ALA A 52 22.03 19.22 -18.66
N ARG A 53 22.41 18.86 -19.89
CA ARG A 53 23.33 19.70 -20.69
C ARG A 53 22.68 20.94 -21.30
N ASN A 54 21.36 21.03 -21.16
CA ASN A 54 20.57 22.11 -21.77
C ASN A 54 19.66 22.73 -20.71
N ARG A 55 18.48 22.13 -20.54
CA ARG A 55 17.47 22.47 -19.53
C ARG A 55 16.10 22.61 -20.17
N LYS A 56 15.07 22.40 -19.36
CA LYS A 56 13.70 22.44 -19.81
C LYS A 56 13.40 21.26 -20.77
N VAL A 57 12.64 21.58 -21.82
CA VAL A 57 12.07 20.62 -22.79
C VAL A 57 11.19 19.55 -22.11
N THR A 58 9.99 19.94 -21.68
CA THR A 58 9.13 19.10 -20.81
C THR A 58 8.34 18.05 -21.59
N VAL A 59 7.77 17.10 -20.83
CA VAL A 59 6.89 16.06 -21.37
C VAL A 59 5.86 16.70 -22.30
N THR A 60 5.24 17.77 -21.80
CA THR A 60 4.39 18.67 -22.56
C THR A 60 5.17 19.38 -23.66
N GLY A 61 6.04 20.32 -23.24
CA GLY A 61 6.83 21.15 -24.15
C GLY A 61 7.42 20.39 -25.32
N PHE A 62 7.62 19.09 -25.13
CA PHE A 62 8.09 18.26 -26.20
C PHE A 62 7.02 18.03 -27.25
N LEU A 63 5.94 17.37 -26.87
CA LEU A 63 4.91 16.98 -27.83
C LEU A 63 4.42 18.15 -28.65
N ALA A 64 4.41 19.30 -28.02
CA ALA A 64 4.01 20.51 -28.67
C ALA A 64 4.91 20.81 -29.86
N ARG A 65 6.12 20.24 -29.85
CA ARG A 65 7.08 20.46 -30.93
C ARG A 65 6.79 19.56 -32.14
N ILE A 66 6.39 18.33 -31.86
CA ILE A 66 6.18 17.35 -32.91
C ILE A 66 4.83 17.51 -33.61
N VAL A 67 3.80 17.79 -32.84
CA VAL A 67 2.42 17.79 -33.37
C VAL A 67 2.15 18.67 -34.60
N PRO A 68 2.76 19.87 -34.68
CA PRO A 68 2.37 20.72 -35.80
C PRO A 68 2.72 20.15 -37.18
N SER A 69 3.76 19.32 -37.27
CA SER A 69 4.18 18.77 -38.58
C SER A 69 3.28 17.63 -39.06
N ILE A 70 2.72 16.88 -38.12
CA ILE A 70 1.84 15.75 -38.42
C ILE A 70 0.46 16.27 -38.83
N LEU A 71 0.12 17.41 -38.25
CA LEU A 71 -1.05 18.16 -38.66
C LEU A 71 -0.84 18.74 -40.07
N LYS A 72 0.42 18.92 -40.47
CA LYS A 72 0.75 19.32 -41.85
C LYS A 72 0.36 18.23 -42.84
N GLN A 73 0.37 16.98 -42.37
CA GLN A 73 -0.01 15.84 -43.20
C GLN A 73 -1.49 15.56 -43.07
N TYR A 74 -2.03 15.70 -41.88
CA TYR A 74 -3.43 15.46 -41.70
C TYR A 74 -4.16 16.78 -41.60
N PRO A 75 -4.75 17.23 -42.73
CA PRO A 75 -5.29 18.60 -42.82
C PRO A 75 -6.64 18.75 -42.11
N TYR A 76 -7.41 17.67 -42.02
CA TYR A 76 -8.72 17.71 -41.42
C TYR A 76 -8.66 17.99 -39.93
N LEU A 77 -7.57 17.59 -39.30
CA LEU A 77 -7.39 17.78 -37.85
C LEU A 77 -7.14 19.21 -37.36
N ASN A 78 -6.74 20.10 -38.25
CA ASN A 78 -6.58 21.49 -37.80
C ASN A 78 -7.36 22.54 -38.61
N ALA A 79 -8.57 22.76 -38.12
CA ALA A 79 -9.55 23.65 -38.70
C ALA A 79 -10.49 23.97 -37.54
N ILE A 80 -11.14 25.12 -37.56
CA ILE A 80 -12.12 25.40 -36.51
C ILE A 80 -13.55 25.33 -37.07
N TYR A 81 -14.51 24.82 -36.29
CA TYR A 81 -15.91 24.76 -36.79
C TYR A 81 -16.72 26.02 -36.47
N ASP A 82 -17.24 26.59 -37.54
CA ASP A 82 -17.84 27.91 -37.55
C ASP A 82 -19.33 27.96 -37.19
N GLU A 83 -19.87 29.16 -37.35
CA GLU A 83 -21.27 29.49 -37.19
C GLU A 83 -22.14 28.67 -38.13
N THR A 84 -22.17 29.11 -39.39
CA THR A 84 -22.84 28.44 -40.47
C THR A 84 -22.54 26.97 -40.35
N ARG A 85 -23.56 26.12 -40.42
CA ARG A 85 -23.31 24.72 -40.74
C ARG A 85 -22.62 24.82 -42.10
N ARG A 86 -22.38 23.69 -42.75
CA ARG A 86 -21.97 23.72 -44.14
C ARG A 86 -20.45 23.94 -44.14
N VAL A 87 -20.03 25.06 -43.57
CA VAL A 87 -18.69 25.59 -43.73
C VAL A 87 -17.75 24.87 -42.76
N TYR A 88 -16.47 24.74 -43.11
CA TYR A 88 -15.50 24.23 -42.13
C TYR A 88 -14.29 25.08 -41.85
N ILE A 89 -13.69 25.62 -42.91
CA ILE A 89 -12.40 26.35 -42.87
C ILE A 89 -11.22 25.62 -42.21
N LEU A 90 -10.30 25.14 -43.04
CA LEU A 90 -9.06 24.52 -42.59
C LEU A 90 -8.01 25.58 -42.50
N LYS A 91 -7.15 25.46 -41.49
CA LYS A 91 -6.15 26.50 -41.24
C LYS A 91 -4.76 26.02 -41.58
N LYS A 92 -3.99 26.92 -42.17
CA LYS A 92 -2.67 26.59 -42.67
C LYS A 92 -1.60 27.08 -41.69
N TYR A 93 -2.04 27.79 -40.65
CA TYR A 93 -1.11 28.34 -39.67
C TYR A 93 -1.25 27.65 -38.31
N TYR A 94 -0.25 26.85 -37.96
CA TYR A 94 -0.36 25.94 -36.83
C TYR A 94 0.17 26.49 -35.50
N ASN A 95 -0.71 27.08 -34.69
CA ASN A 95 -0.38 27.34 -33.30
C ASN A 95 -1.23 26.52 -32.35
N ILE A 96 -0.57 25.81 -31.45
CA ILE A 96 -1.23 24.88 -30.55
C ILE A 96 -1.60 25.55 -29.25
N GLY A 97 -2.78 25.20 -28.74
CA GLY A 97 -3.23 25.64 -27.43
C GLY A 97 -2.93 24.56 -26.44
N ILE A 98 -2.73 24.94 -25.17
CA ILE A 98 -2.35 23.97 -24.13
C ILE A 98 -3.03 24.11 -22.75
N ALA A 99 -3.22 22.99 -22.08
CA ALA A 99 -4.17 22.89 -20.98
C ALA A 99 -3.55 23.01 -19.59
N VAL A 100 -3.52 24.23 -19.05
CA VAL A 100 -2.95 24.46 -17.72
C VAL A 100 -4.01 24.75 -16.67
N ASP A 101 -3.90 24.07 -15.54
CA ASP A 101 -4.81 24.28 -14.44
C ASP A 101 -4.34 25.42 -13.56
N THR A 102 -5.05 26.55 -13.64
CA THR A 102 -4.82 27.70 -12.74
C THR A 102 -5.70 27.56 -11.49
N PRO A 103 -5.45 28.34 -10.44
CA PRO A 103 -6.35 28.29 -9.29
C PRO A 103 -7.80 28.76 -9.61
N ASP A 104 -7.92 29.64 -10.60
CA ASP A 104 -9.19 30.26 -10.98
C ASP A 104 -10.01 29.37 -11.93
N GLY A 105 -9.50 28.18 -12.23
CA GLY A 105 -10.13 27.26 -13.17
C GLY A 105 -9.17 26.98 -14.31
N LEU A 106 -9.57 26.10 -15.20
CA LEU A 106 -8.69 25.65 -16.26
C LEU A 106 -8.62 26.63 -17.44
N ASN A 107 -7.48 26.59 -18.14
CA ASN A 107 -7.04 27.60 -19.11
C ASN A 107 -6.45 26.98 -20.38
N VAL A 108 -6.36 27.79 -21.43
CA VAL A 108 -5.82 27.34 -22.70
C VAL A 108 -5.00 28.41 -23.40
N PHE A 109 -3.68 28.41 -23.23
CA PHE A 109 -2.84 29.37 -23.96
C PHE A 109 -2.22 28.82 -25.24
N VAL A 110 -1.82 29.71 -26.13
CA VAL A 110 -1.37 29.35 -27.49
C VAL A 110 0.02 29.83 -27.80
N ILE A 111 0.98 28.94 -27.61
CA ILE A 111 2.27 29.11 -28.25
C ILE A 111 2.03 29.09 -29.76
N LYS A 112 2.23 30.25 -30.38
CA LYS A 112 1.99 30.46 -31.79
C LYS A 112 2.97 29.69 -32.68
N ASP A 113 2.62 29.56 -33.96
CA ASP A 113 3.39 28.82 -34.96
C ASP A 113 4.41 27.88 -34.32
N ALA A 114 3.92 26.81 -33.71
CA ALA A 114 4.79 25.86 -33.00
C ALA A 114 5.82 25.23 -33.92
N ASP A 115 5.57 25.34 -35.23
CA ASP A 115 6.46 24.80 -36.24
C ASP A 115 7.75 25.59 -36.38
N ARG A 116 7.77 26.82 -35.88
CA ARG A 116 9.01 27.59 -35.88
C ARG A 116 9.53 27.96 -34.49
N LYS A 117 9.56 26.97 -33.59
CA LYS A 117 10.18 27.13 -32.27
C LYS A 117 10.82 25.82 -31.78
N SER A 118 12.09 25.88 -31.37
CA SER A 118 12.83 24.71 -30.89
C SER A 118 12.29 24.18 -29.56
N MET A 119 12.22 22.86 -29.42
CA MET A 119 11.77 22.18 -28.20
C MET A 119 12.06 22.96 -26.94
N VAL A 120 13.14 23.73 -26.94
CA VAL A 120 13.55 24.57 -25.82
C VAL A 120 12.62 25.76 -25.63
N GLU A 121 12.46 26.54 -26.71
CA GLU A 121 11.53 27.69 -26.73
C GLU A 121 10.13 27.28 -26.33
N ILE A 122 9.67 26.23 -27.00
CA ILE A 122 8.38 25.63 -26.72
C ILE A 122 8.26 25.26 -25.26
N SER A 123 9.32 24.72 -24.68
CA SER A 123 9.23 24.31 -23.28
C SER A 123 9.59 25.40 -22.29
N ALA A 124 10.14 26.50 -22.79
CA ALA A 124 10.26 27.71 -22.00
C ALA A 124 8.95 28.44 -22.10
N GLU A 125 8.55 28.79 -23.31
CA GLU A 125 7.22 29.37 -23.53
C GLU A 125 6.05 28.65 -22.84
N ILE A 126 6.10 27.34 -22.60
CA ILE A 126 5.00 26.68 -21.88
C ILE A 126 5.06 27.11 -20.44
N SER A 127 6.26 27.06 -19.87
CA SER A 127 6.46 27.36 -18.46
C SER A 127 6.37 28.87 -18.21
N ASP A 128 6.96 29.67 -19.11
CA ASP A 128 6.84 31.13 -19.06
C ASP A 128 5.39 31.51 -18.89
N LYS A 129 4.54 30.98 -19.78
CA LYS A 129 3.12 31.30 -19.78
C LYS A 129 2.38 30.57 -18.66
N ALA A 130 2.74 29.31 -18.41
CA ALA A 130 2.14 28.54 -17.33
C ALA A 130 2.33 29.20 -15.95
N SER A 131 3.54 29.74 -15.70
CA SER A 131 3.89 30.40 -14.43
C SER A 131 3.01 31.63 -14.22
N ARG A 132 2.76 32.34 -15.31
CA ARG A 132 1.92 33.53 -15.28
C ARG A 132 0.42 33.20 -15.33
N ALA A 133 0.09 31.97 -15.75
CA ALA A 133 -1.30 31.50 -15.84
C ALA A 133 -1.88 31.29 -14.48
N ARG A 134 -1.04 30.92 -13.52
CA ARG A 134 -1.45 30.77 -12.14
C ARG A 134 -1.68 32.11 -11.45
N GLU A 135 -1.45 33.23 -12.15
CA GLU A 135 -1.84 34.58 -11.68
C GLU A 135 -2.78 35.30 -12.67
N ASN A 136 -3.41 34.50 -13.53
CA ASN A 136 -4.14 34.96 -14.72
C ASN A 136 -3.59 36.24 -15.32
N LYS A 137 -2.31 36.46 -15.06
CA LYS A 137 -1.58 37.55 -15.66
C LYS A 137 -1.09 37.10 -17.05
N LEU A 138 -2.04 36.62 -17.85
CA LEU A 138 -1.79 36.24 -19.23
C LEU A 138 -2.43 37.27 -20.12
N GLN A 139 -1.78 37.56 -21.23
CA GLN A 139 -2.33 38.51 -22.16
C GLN A 139 -3.41 37.90 -23.04
N LEU A 140 -4.47 38.67 -23.28
CA LEU A 140 -5.56 38.28 -24.16
C LEU A 140 -5.00 37.78 -25.48
N ASP A 141 -3.83 38.30 -25.85
CA ASP A 141 -3.18 37.99 -27.11
C ASP A 141 -2.64 36.56 -27.06
N GLU A 142 -2.07 36.21 -25.91
CA GLU A 142 -1.38 34.93 -25.71
C GLU A 142 -2.28 33.71 -25.60
N VAL A 143 -3.58 33.92 -25.53
CA VAL A 143 -4.49 32.81 -25.34
C VAL A 143 -5.46 32.80 -26.52
N GLN A 144 -4.90 32.87 -27.73
CA GLN A 144 -5.72 33.01 -28.95
C GLN A 144 -5.28 32.22 -30.19
N ASP A 145 -6.27 31.80 -30.99
CA ASP A 145 -6.07 31.35 -32.38
C ASP A 145 -5.70 29.88 -32.52
N SER A 146 -5.78 29.10 -31.44
CA SER A 146 -5.39 27.69 -31.45
C SER A 146 -6.10 26.81 -32.50
N THR A 147 -5.31 26.24 -33.41
CA THR A 147 -5.83 25.36 -34.45
C THR A 147 -6.01 23.96 -33.90
N PHE A 148 -5.15 23.63 -32.95
CA PHE A 148 -5.22 22.35 -32.29
C PHE A 148 -5.02 22.58 -30.79
N THR A 149 -5.21 21.52 -29.99
CA THR A 149 -4.95 21.57 -28.54
C THR A 149 -4.57 20.22 -27.91
N ILE A 150 -3.74 20.33 -26.88
CA ILE A 150 -3.20 19.21 -26.12
C ILE A 150 -3.44 19.40 -24.61
N THR A 151 -3.63 18.30 -23.90
CA THR A 151 -3.99 18.39 -22.49
C THR A 151 -3.29 17.35 -21.62
N ASN A 152 -2.53 17.84 -20.64
CA ASN A 152 -1.68 16.98 -19.80
C ASN A 152 -2.20 16.80 -18.39
N VAL A 153 -2.84 15.66 -18.15
CA VAL A 153 -3.07 15.17 -16.80
C VAL A 153 -1.85 14.34 -16.42
N GLY A 154 -1.00 14.07 -17.41
CA GLY A 154 0.22 13.24 -17.28
C GLY A 154 1.27 13.84 -16.38
N THR A 155 0.88 14.95 -15.78
CA THR A 155 1.63 15.55 -14.72
C THR A 155 0.95 15.13 -13.41
N ILE A 156 -0.38 15.22 -13.36
CA ILE A 156 -1.11 14.95 -12.12
C ILE A 156 -1.41 13.46 -11.96
N GLY A 157 -1.46 12.74 -13.08
CA GLY A 157 -1.67 11.31 -13.05
C GLY A 157 -2.52 10.87 -14.21
N GLY A 158 -2.98 9.63 -14.17
CA GLY A 158 -3.90 9.11 -15.17
C GLY A 158 -3.23 8.39 -16.32
N ILE A 159 -3.81 7.28 -16.76
CA ILE A 159 -3.27 6.48 -17.88
C ILE A 159 -4.05 6.64 -19.20
N MET A 160 -5.33 7.01 -19.10
CA MET A 160 -6.24 7.09 -20.26
C MET A 160 -7.34 8.15 -20.14
N SER A 161 -7.80 8.69 -21.26
CA SER A 161 -8.91 9.67 -21.23
C SER A 161 -9.86 9.63 -22.44
N THR A 162 -11.15 9.98 -22.24
CA THR A 162 -12.02 10.54 -23.32
C THR A 162 -12.27 12.03 -23.05
N PRO A 163 -11.34 12.87 -23.54
CA PRO A 163 -11.31 14.29 -23.28
C PRO A 163 -12.30 15.06 -24.18
N ILE A 164 -12.56 16.32 -23.80
CA ILE A 164 -13.47 17.18 -24.56
C ILE A 164 -12.69 18.16 -25.43
N ILE A 165 -12.90 18.03 -26.73
CA ILE A 165 -12.32 18.93 -27.71
C ILE A 165 -12.56 20.34 -27.21
N ASN A 166 -11.50 21.14 -27.18
CA ASN A 166 -11.71 22.57 -27.00
C ASN A 166 -12.38 23.15 -28.27
N TYR A 167 -13.63 23.55 -28.13
CA TYR A 167 -14.38 24.13 -29.25
C TYR A 167 -13.89 25.57 -29.43
N PRO A 168 -13.82 26.05 -30.69
CA PRO A 168 -14.29 25.44 -31.94
C PRO A 168 -13.30 24.57 -32.73
N GLU A 169 -12.11 24.31 -32.18
CA GLU A 169 -11.13 23.42 -32.83
C GLU A 169 -11.76 22.07 -33.08
N VAL A 170 -11.09 21.28 -33.89
CA VAL A 170 -11.75 20.13 -34.43
C VAL A 170 -11.21 18.81 -33.82
N ALA A 171 -10.13 18.89 -33.04
CA ALA A 171 -9.73 17.75 -32.20
C ALA A 171 -8.96 18.18 -30.94
N ILE A 172 -8.41 17.19 -30.22
CA ILE A 172 -7.62 17.38 -28.98
C ILE A 172 -6.74 16.13 -28.73
N LEU A 173 -5.67 16.25 -27.93
CA LEU A 173 -4.85 15.06 -27.59
C LEU A 173 -4.54 14.95 -26.12
N GLY A 174 -4.63 13.73 -25.61
CA GLY A 174 -4.58 13.51 -24.17
C GLY A 174 -3.33 12.85 -23.66
N VAL A 175 -2.54 13.62 -22.91
CA VAL A 175 -1.28 13.15 -22.32
C VAL A 175 -1.51 12.53 -20.95
N HIS A 176 -0.74 11.48 -20.65
CA HIS A 176 -0.98 10.59 -19.51
C HIS A 176 0.27 10.19 -18.78
N ARG A 177 0.16 9.23 -17.87
CA ARG A 177 1.25 8.87 -16.97
C ARG A 177 2.14 7.76 -17.58
N ILE A 178 3.45 7.83 -17.28
CA ILE A 178 4.47 6.90 -17.84
C ILE A 178 4.57 5.56 -17.11
N LEU A 179 3.70 4.64 -17.52
CA LEU A 179 3.66 3.30 -16.98
C LEU A 179 4.89 2.54 -17.47
N GLU A 180 5.54 1.77 -16.59
CA GLU A 180 6.67 0.92 -17.03
C GLU A 180 6.30 -0.57 -17.07
N ARG A 181 5.87 -1.04 -18.24
CA ARG A 181 5.54 -2.46 -18.42
C ARG A 181 6.77 -3.28 -18.77
N GLU A 182 6.94 -4.39 -18.06
CA GLU A 182 8.13 -5.21 -18.12
C GLU A 182 9.36 -4.39 -17.74
N GLY A 183 10.11 -3.90 -18.74
CA GLY A 183 11.38 -3.21 -18.49
C GLY A 183 11.60 -1.92 -19.26
N ARG A 184 10.63 -1.55 -20.07
CA ARG A 184 10.66 -0.30 -20.81
C ARG A 184 9.45 0.58 -20.44
N LYS A 185 9.43 1.82 -20.96
CA LYS A 185 8.42 2.79 -20.55
C LYS A 185 7.36 3.03 -21.62
N TYR A 186 6.11 2.87 -21.21
CA TYR A 186 4.98 3.19 -22.07
C TYR A 186 3.95 4.09 -21.38
N MET A 187 3.38 5.00 -22.15
CA MET A 187 2.30 5.84 -21.65
C MET A 187 1.23 5.74 -22.72
N TYR A 188 -0.05 5.67 -22.32
CA TYR A 188 -1.12 5.66 -23.33
C TYR A 188 -1.46 7.08 -23.78
N LEU A 189 -1.83 7.22 -25.05
CA LEU A 189 -2.26 8.50 -25.60
C LEU A 189 -3.69 8.41 -25.99
N SER A 190 -4.45 9.50 -25.85
CA SER A 190 -5.81 9.54 -26.40
C SER A 190 -6.10 10.78 -27.22
N LEU A 191 -6.83 10.56 -28.31
CA LEU A 191 -7.24 11.61 -29.22
C LEU A 191 -8.74 11.51 -29.44
N SER A 192 -9.43 12.59 -29.08
CA SER A 192 -10.83 12.79 -29.43
C SER A 192 -10.96 13.88 -30.51
N CYS A 193 -12.07 13.79 -31.23
CA CYS A 193 -12.29 14.60 -32.42
C CYS A 193 -13.74 14.44 -32.90
N ASP A 194 -14.16 15.43 -33.68
CA ASP A 194 -15.46 15.46 -34.30
C ASP A 194 -15.52 14.38 -35.36
N HIS A 195 -16.26 13.31 -35.11
CA HIS A 195 -16.37 12.22 -36.08
C HIS A 195 -17.29 12.54 -37.25
N ARG A 196 -17.58 13.83 -37.46
CA ARG A 196 -18.32 14.21 -38.66
C ARG A 196 -17.39 14.38 -39.82
N LEU A 197 -16.26 15.04 -39.60
CA LEU A 197 -15.19 15.16 -40.61
C LEU A 197 -13.94 14.33 -40.36
N ILE A 198 -13.72 13.90 -39.11
CA ILE A 198 -12.62 12.98 -38.81
C ILE A 198 -13.11 11.51 -38.78
N ASP A 199 -12.85 10.77 -39.86
CA ASP A 199 -13.32 9.38 -40.00
C ASP A 199 -12.78 8.43 -38.93
N GLY A 200 -13.27 7.19 -38.96
CA GLY A 200 -12.75 6.11 -38.13
C GLY A 200 -11.25 5.97 -38.33
N ALA A 201 -10.87 5.70 -39.58
CA ALA A 201 -9.47 5.61 -39.96
C ALA A 201 -8.67 6.89 -39.71
N VAL A 202 -9.04 7.96 -40.39
CA VAL A 202 -8.20 9.17 -40.47
C VAL A 202 -7.86 9.75 -39.08
N ALA A 203 -8.51 9.25 -38.03
CA ALA A 203 -8.11 9.62 -36.68
C ALA A 203 -6.95 8.74 -36.25
N THR A 204 -7.14 7.43 -36.37
CA THR A 204 -6.16 6.43 -35.93
C THR A 204 -4.88 6.56 -36.76
N ARG A 205 -5.05 6.85 -38.05
CA ARG A 205 -3.95 7.10 -39.00
C ARG A 205 -2.99 8.18 -38.53
N PHE A 206 -3.52 9.22 -37.90
CA PHE A 206 -2.74 10.34 -37.41
C PHE A 206 -2.02 10.00 -36.10
N ILE A 207 -2.75 9.45 -35.14
CA ILE A 207 -2.13 9.07 -33.88
C ILE A 207 -1.26 7.85 -34.07
N VAL A 208 -1.42 7.17 -35.19
CA VAL A 208 -0.54 6.07 -35.51
C VAL A 208 0.73 6.58 -36.18
N ASP A 209 0.61 7.63 -36.99
CA ASP A 209 1.79 8.30 -37.55
C ASP A 209 2.58 8.99 -36.44
N LEU A 210 1.88 9.57 -35.46
CA LEU A 210 2.54 10.24 -34.34
C LEU A 210 3.28 9.21 -33.51
N LYS A 211 2.60 8.11 -33.18
CA LYS A 211 3.19 7.02 -32.40
C LYS A 211 4.62 6.75 -32.82
N LYS A 212 4.90 6.88 -34.13
CA LYS A 212 6.25 6.69 -34.70
C LYS A 212 7.25 7.72 -34.18
N VAL A 213 6.78 8.97 -34.09
CA VAL A 213 7.63 10.15 -33.94
C VAL A 213 8.13 10.27 -32.53
N ILE A 214 7.32 9.78 -31.61
CA ILE A 214 7.70 9.70 -30.22
C ILE A 214 8.56 8.46 -30.02
N GLU A 215 8.29 7.42 -30.83
CA GLU A 215 8.92 6.07 -30.73
C GLU A 215 10.29 6.01 -31.40
N ASP A 216 10.69 7.16 -31.91
CA ASP A 216 11.98 7.36 -32.45
C ASP A 216 12.19 8.85 -32.76
N PRO A 217 12.59 9.65 -31.74
CA PRO A 217 12.85 11.12 -31.87
C PRO A 217 14.20 11.39 -32.54
N ASN A 218 14.99 10.31 -32.72
CA ASN A 218 16.11 10.18 -33.67
C ASN A 218 15.66 10.69 -35.07
N ALA A 219 14.36 10.99 -35.20
CA ALA A 219 13.77 11.64 -36.38
C ALA A 219 13.86 13.16 -36.24
N GLU B 6 -5.30 29.74 -45.51
CA GLU B 6 -6.54 29.18 -44.88
C GLU B 6 -7.66 28.90 -45.91
N GLU B 7 -8.18 27.66 -45.88
CA GLU B 7 -9.04 27.11 -46.95
C GLU B 7 -10.45 26.75 -46.49
N ILE B 8 -11.44 27.30 -47.18
CA ILE B 8 -12.87 27.16 -46.83
C ILE B 8 -13.38 25.71 -46.76
N LEU B 9 -13.07 24.96 -47.80
CA LEU B 9 -13.79 23.72 -48.21
C LEU B 9 -14.88 23.07 -47.30
N GLU B 10 -16.09 23.06 -47.89
CA GLU B 10 -17.36 22.74 -47.22
C GLU B 10 -17.74 21.25 -47.22
N MET B 11 -18.93 20.93 -47.74
CA MET B 11 -19.41 19.53 -47.77
C MET B 11 -19.90 19.00 -49.11
N HIS B 12 -19.46 17.76 -49.39
CA HIS B 12 -19.72 17.06 -50.66
C HIS B 12 -20.84 16.03 -50.50
N GLY B 13 -20.84 14.99 -51.35
CA GLY B 13 -21.78 13.88 -51.29
C GLY B 13 -21.65 13.01 -50.05
N LEU B 14 -20.63 12.14 -50.03
CA LEU B 14 -20.39 11.25 -48.89
C LEU B 14 -20.22 12.04 -47.60
N ARG B 15 -19.38 13.06 -47.65
CA ARG B 15 -19.10 13.92 -46.48
C ARG B 15 -20.38 14.44 -45.82
N ARG B 16 -21.39 14.73 -46.64
CA ARG B 16 -22.66 15.22 -46.13
C ARG B 16 -23.44 14.09 -45.51
N ILE B 17 -23.38 12.91 -46.11
CA ILE B 17 -24.21 11.80 -45.65
C ILE B 17 -23.73 11.32 -44.29
N ILE B 18 -22.43 11.36 -44.08
CA ILE B 18 -21.84 10.98 -42.79
C ILE B 18 -21.95 12.10 -41.71
N PHE B 19 -21.53 13.32 -42.05
CA PHE B 19 -21.79 14.51 -41.22
C PHE B 19 -23.18 14.42 -40.60
N ASP B 20 -24.21 14.41 -41.47
CA ASP B 20 -25.64 14.38 -41.08
C ASP B 20 -25.94 13.11 -40.26
N LYS B 21 -25.36 11.98 -40.68
CA LYS B 21 -25.58 10.69 -40.02
C LYS B 21 -24.96 10.64 -38.64
N MET B 22 -23.91 11.42 -38.44
CA MET B 22 -23.22 11.41 -37.17
C MET B 22 -23.77 12.46 -36.21
N THR B 23 -23.99 13.68 -36.70
CA THR B 23 -24.68 14.72 -35.95
C THR B 23 -25.88 14.12 -35.24
N LYS B 24 -26.64 13.29 -35.97
CA LYS B 24 -27.88 12.72 -35.44
C LYS B 24 -27.69 11.44 -34.63
N ALA B 25 -26.54 10.78 -34.80
CA ALA B 25 -26.27 9.58 -34.04
C ALA B 25 -26.10 9.84 -32.55
N LYS B 26 -24.95 10.41 -32.16
CA LYS B 26 -24.73 10.89 -30.79
C LYS B 26 -25.48 12.23 -30.67
N GLN B 27 -26.79 12.17 -30.87
CA GLN B 27 -27.71 13.32 -30.73
C GLN B 27 -29.01 12.81 -30.19
N ILE B 28 -29.29 11.55 -30.48
CA ILE B 28 -30.38 10.89 -29.82
C ILE B 28 -29.77 9.83 -28.88
N MET B 29 -28.93 8.95 -29.42
CA MET B 29 -28.41 7.80 -28.68
C MET B 29 -27.25 8.17 -27.73
N PRO B 30 -27.48 8.14 -26.41
CA PRO B 30 -26.42 8.41 -25.40
C PRO B 30 -25.46 7.25 -25.19
N HIS B 31 -24.18 7.59 -25.21
CA HIS B 31 -23.13 6.63 -25.53
C HIS B 31 -22.31 6.05 -24.40
N PHE B 32 -22.79 4.90 -23.91
CA PHE B 32 -22.02 4.06 -22.99
C PHE B 32 -21.21 3.01 -23.73
N THR B 33 -20.00 2.76 -23.25
CA THR B 33 -19.09 1.80 -23.90
C THR B 33 -18.09 1.11 -22.95
N VAL B 34 -17.97 -0.20 -23.10
CA VAL B 34 -17.11 -1.03 -22.24
C VAL B 34 -16.03 -1.71 -23.08
N MET B 35 -14.90 -1.96 -22.45
CA MET B 35 -13.75 -2.58 -23.10
C MET B 35 -13.38 -3.92 -22.44
N GLU B 36 -13.02 -4.91 -23.25
CA GLU B 36 -12.44 -6.15 -22.72
C GLU B 36 -11.23 -6.62 -23.51
N GLU B 37 -10.23 -7.10 -22.76
CA GLU B 37 -9.03 -7.67 -23.35
C GLU B 37 -9.22 -9.15 -23.57
N VAL B 38 -8.69 -9.63 -24.68
CA VAL B 38 -8.97 -10.95 -25.21
C VAL B 38 -7.68 -11.69 -25.61
N ASP B 39 -7.53 -12.92 -25.16
CA ASP B 39 -6.37 -13.76 -25.52
C ASP B 39 -6.61 -14.40 -26.90
N VAL B 40 -6.12 -13.72 -27.93
CA VAL B 40 -6.40 -14.09 -29.31
C VAL B 40 -5.34 -15.01 -29.87
N THR B 41 -4.42 -15.46 -29.03
CA THR B 41 -3.34 -16.33 -29.48
C THR B 41 -3.92 -17.56 -30.18
N SER B 42 -4.99 -18.12 -29.61
CA SER B 42 -5.69 -19.25 -30.21
C SER B 42 -6.36 -18.83 -31.49
N MET B 43 -6.80 -17.58 -31.56
CA MET B 43 -7.32 -17.08 -32.80
C MET B 43 -6.21 -16.83 -33.80
N VAL B 44 -5.16 -16.16 -33.35
CA VAL B 44 -4.11 -15.70 -34.26
C VAL B 44 -3.42 -16.87 -34.95
N SER B 45 -3.09 -17.91 -34.18
CA SER B 45 -2.47 -19.09 -34.74
C SER B 45 -3.47 -19.85 -35.62
N ILE B 46 -4.75 -19.66 -35.30
CA ILE B 46 -5.83 -20.26 -36.09
C ILE B 46 -5.96 -19.58 -37.47
N LEU B 47 -5.61 -18.30 -37.53
CA LEU B 47 -5.53 -17.60 -38.81
C LEU B 47 -4.40 -18.14 -39.69
N ASP B 48 -3.21 -18.25 -39.11
CA ASP B 48 -1.98 -18.51 -39.88
C ASP B 48 -1.94 -19.92 -40.43
N SER B 49 -2.56 -20.86 -39.71
CA SER B 49 -2.68 -22.23 -40.18
C SER B 49 -3.67 -22.30 -41.32
N ALA B 50 -4.62 -21.37 -41.31
CA ALA B 50 -5.67 -21.31 -42.32
C ALA B 50 -5.29 -20.36 -43.46
N LYS B 51 -4.21 -19.62 -43.29
CA LYS B 51 -3.76 -18.69 -44.32
C LYS B 51 -2.75 -19.37 -45.22
N ALA B 52 -1.94 -20.22 -44.62
CA ALA B 52 -0.97 -21.00 -45.36
C ALA B 52 -1.64 -21.91 -46.39
N ARG B 53 -2.97 -22.03 -46.31
CA ARG B 53 -3.72 -22.93 -47.21
C ARG B 53 -5.14 -22.49 -47.61
N ASN B 54 -5.85 -21.77 -46.75
CA ASN B 54 -7.28 -21.46 -47.00
C ASN B 54 -7.59 -20.07 -47.52
N ARG B 55 -6.54 -19.38 -47.98
CA ARG B 55 -6.62 -17.98 -48.47
C ARG B 55 -7.14 -16.95 -47.46
N LYS B 56 -8.18 -17.33 -46.71
CA LYS B 56 -8.79 -16.45 -45.72
C LYS B 56 -8.23 -16.94 -44.37
N VAL B 57 -8.61 -16.38 -43.20
CA VAL B 57 -9.69 -15.43 -42.97
C VAL B 57 -9.17 -14.18 -42.27
N THR B 58 -9.87 -13.04 -42.43
CA THR B 58 -9.44 -11.73 -41.87
C THR B 58 -9.70 -11.68 -40.38
N VAL B 59 -8.97 -10.80 -39.69
CA VAL B 59 -9.23 -10.47 -38.27
C VAL B 59 -10.72 -10.08 -38.09
N THR B 60 -11.17 -9.14 -38.93
CA THR B 60 -12.58 -8.76 -39.10
C THR B 60 -13.50 -9.97 -39.31
N GLY B 61 -13.39 -10.60 -40.48
CA GLY B 61 -14.25 -11.71 -40.89
C GLY B 61 -14.38 -12.83 -39.88
N PHE B 62 -13.29 -13.08 -39.15
CA PHE B 62 -13.35 -14.06 -38.10
C PHE B 62 -14.26 -13.53 -37.02
N LEU B 63 -13.98 -12.32 -36.56
CA LEU B 63 -14.79 -11.72 -35.53
C LEU B 63 -16.22 -11.71 -36.01
N ALA B 64 -16.39 -11.37 -37.29
CA ALA B 64 -17.71 -11.16 -37.84
C ALA B 64 -18.59 -12.40 -37.85
N ARG B 65 -17.96 -13.57 -37.96
CA ARG B 65 -18.66 -14.84 -37.98
C ARG B 65 -19.28 -15.15 -36.62
N ILE B 66 -18.53 -14.86 -35.56
CA ILE B 66 -18.93 -15.17 -34.19
C ILE B 66 -19.98 -14.19 -33.68
N VAL B 67 -19.90 -12.97 -34.17
CA VAL B 67 -20.78 -11.90 -33.73
C VAL B 67 -22.28 -12.21 -33.72
N PRO B 68 -22.82 -12.81 -34.80
CA PRO B 68 -24.27 -13.06 -34.83
C PRO B 68 -24.68 -14.16 -33.87
N SER B 69 -23.77 -15.11 -33.68
CA SER B 69 -23.94 -16.17 -32.70
C SER B 69 -24.27 -15.59 -31.32
N ILE B 70 -23.53 -14.56 -30.89
CA ILE B 70 -23.73 -13.98 -29.55
C ILE B 70 -24.88 -12.98 -29.44
N LEU B 71 -25.31 -12.43 -30.57
CA LEU B 71 -26.50 -11.58 -30.57
C LEU B 71 -27.75 -12.43 -30.37
N LYS B 72 -27.62 -13.71 -30.70
CA LYS B 72 -28.68 -14.70 -30.48
C LYS B 72 -28.79 -15.09 -28.98
N GLN B 73 -28.15 -14.31 -28.11
CA GLN B 73 -28.07 -14.61 -26.67
C GLN B 73 -28.38 -13.37 -25.84
N TYR B 74 -28.17 -12.21 -26.46
CA TYR B 74 -28.62 -10.93 -25.93
C TYR B 74 -29.51 -10.30 -26.98
N PRO B 75 -30.85 -10.35 -26.81
CA PRO B 75 -31.74 -9.99 -27.92
C PRO B 75 -31.65 -8.50 -28.26
N TYR B 76 -31.25 -7.71 -27.27
CA TYR B 76 -31.31 -6.27 -27.32
C TYR B 76 -30.37 -5.58 -28.30
N LEU B 77 -29.15 -6.09 -28.44
CA LEU B 77 -28.07 -5.40 -29.20
C LEU B 77 -28.27 -5.39 -30.71
N ASN B 78 -29.10 -6.30 -31.19
CA ASN B 78 -29.42 -6.38 -32.59
C ASN B 78 -30.75 -5.70 -32.73
N ALA B 79 -30.67 -4.38 -32.76
CA ALA B 79 -31.86 -3.57 -32.91
C ALA B 79 -31.54 -2.19 -33.47
N ILE B 80 -32.59 -1.47 -33.84
CA ILE B 80 -32.48 -0.26 -34.60
C ILE B 80 -33.55 0.71 -34.08
N TYR B 81 -33.17 1.97 -33.84
CA TYR B 81 -34.09 3.00 -33.27
C TYR B 81 -35.03 3.67 -34.31
N ASP B 82 -35.94 4.54 -33.85
CA ASP B 82 -37.20 4.82 -34.55
C ASP B 82 -37.75 6.28 -34.61
N GLU B 83 -38.86 6.41 -35.32
CA GLU B 83 -39.40 7.67 -35.81
C GLU B 83 -40.06 8.46 -34.71
N THR B 84 -41.38 8.33 -34.59
CA THR B 84 -42.01 8.68 -33.34
C THR B 84 -41.15 7.91 -32.38
N ARG B 85 -40.85 8.56 -31.27
CA ARG B 85 -40.02 8.04 -30.20
C ARG B 85 -40.56 6.67 -29.76
N ARG B 86 -41.81 6.69 -29.29
CA ARG B 86 -42.56 5.49 -28.89
C ARG B 86 -42.49 4.38 -29.93
N VAL B 87 -41.53 3.46 -29.70
CA VAL B 87 -41.31 2.21 -30.47
C VAL B 87 -39.87 1.77 -30.19
N TYR B 88 -39.45 0.58 -30.64
CA TYR B 88 -38.00 0.20 -30.63
C TYR B 88 -37.48 -0.86 -31.64
N ILE B 89 -38.37 -1.72 -32.12
CA ILE B 89 -38.07 -2.78 -33.13
C ILE B 89 -36.73 -3.53 -32.97
N LEU B 90 -36.78 -4.67 -32.27
CA LEU B 90 -35.67 -5.60 -32.21
C LEU B 90 -35.72 -6.53 -33.41
N LYS B 91 -34.57 -6.60 -34.12
CA LYS B 91 -34.44 -7.37 -35.36
C LYS B 91 -34.09 -8.84 -35.09
N LYS B 92 -34.57 -9.73 -35.94
CA LYS B 92 -34.45 -11.16 -35.67
C LYS B 92 -33.45 -11.89 -36.58
N TYR B 93 -33.27 -11.37 -37.79
CA TYR B 93 -32.24 -11.84 -38.74
C TYR B 93 -30.97 -11.04 -38.44
N TYR B 94 -29.81 -11.58 -38.81
CA TYR B 94 -28.53 -10.93 -38.46
C TYR B 94 -27.67 -10.53 -39.64
N ASN B 95 -27.64 -9.23 -39.93
CA ASN B 95 -26.88 -8.66 -41.05
C ASN B 95 -25.86 -7.65 -40.56
N ILE B 96 -24.60 -8.06 -40.50
CA ILE B 96 -23.53 -7.28 -39.85
C ILE B 96 -22.82 -6.32 -40.77
N GLY B 97 -23.04 -5.04 -40.55
CA GLY B 97 -22.42 -4.01 -41.37
C GLY B 97 -21.00 -3.77 -40.91
N ILE B 98 -20.04 -4.05 -41.81
CA ILE B 98 -18.61 -3.88 -41.50
C ILE B 98 -17.97 -2.73 -42.31
N ALA B 99 -17.41 -1.75 -41.60
CA ALA B 99 -17.03 -0.46 -42.19
C ALA B 99 -15.55 -0.27 -42.47
N VAL B 100 -15.27 -0.05 -43.74
CA VAL B 100 -13.93 0.18 -44.22
C VAL B 100 -13.85 1.55 -44.90
N ASP B 101 -12.68 1.88 -45.42
CA ASP B 101 -12.35 3.21 -45.96
C ASP B 101 -12.67 3.31 -47.45
N THR B 102 -13.01 4.50 -47.92
CA THR B 102 -13.06 4.79 -49.35
C THR B 102 -12.14 5.98 -49.61
N PRO B 103 -12.08 6.47 -50.86
CA PRO B 103 -11.30 7.68 -51.06
C PRO B 103 -12.04 8.97 -50.67
N ASP B 104 -13.38 8.91 -50.56
CA ASP B 104 -14.21 10.10 -50.28
C ASP B 104 -14.50 10.28 -48.78
N GLY B 105 -14.31 9.18 -48.05
CA GLY B 105 -14.55 9.12 -46.63
C GLY B 105 -14.95 7.71 -46.24
N LEU B 106 -15.62 7.59 -45.09
CA LEU B 106 -15.97 6.31 -44.54
C LEU B 106 -17.27 5.81 -45.13
N ASN B 107 -17.34 4.50 -45.31
CA ASN B 107 -18.50 3.79 -45.86
C ASN B 107 -18.88 2.67 -44.89
N VAL B 108 -20.11 2.19 -44.99
CA VAL B 108 -20.50 0.97 -44.26
C VAL B 108 -21.28 0.08 -45.19
N PHE B 109 -21.02 -1.22 -45.14
CA PHE B 109 -21.72 -2.23 -45.97
C PHE B 109 -22.01 -3.52 -45.23
N VAL B 110 -23.02 -4.22 -45.71
CA VAL B 110 -23.59 -5.33 -44.98
C VAL B 110 -23.22 -6.70 -45.57
N ILE B 111 -22.61 -7.53 -44.72
CA ILE B 111 -22.35 -8.96 -45.00
C ILE B 111 -23.55 -9.75 -44.50
N LYS B 112 -24.48 -9.92 -45.43
CA LYS B 112 -25.88 -10.22 -45.13
C LYS B 112 -26.18 -11.71 -44.77
N ASP B 113 -27.14 -11.91 -43.85
CA ASP B 113 -27.37 -13.18 -43.12
C ASP B 113 -26.05 -13.88 -42.76
N ALA B 114 -25.33 -13.27 -41.82
CA ALA B 114 -23.97 -13.71 -41.50
C ALA B 114 -23.88 -14.98 -40.65
N ASP B 115 -24.95 -15.31 -39.93
CA ASP B 115 -24.96 -16.52 -39.09
C ASP B 115 -24.92 -17.82 -39.91
N ARG B 116 -25.26 -17.72 -41.20
CA ARG B 116 -25.21 -18.87 -42.12
C ARG B 116 -23.80 -19.11 -42.66
N LYS B 117 -23.13 -18.04 -43.08
CA LYS B 117 -21.86 -18.12 -43.84
C LYS B 117 -20.62 -18.54 -43.00
N SER B 118 -19.67 -19.23 -43.64
CA SER B 118 -18.44 -19.72 -42.98
C SER B 118 -17.43 -18.61 -42.88
N MET B 119 -16.42 -18.80 -42.04
CA MET B 119 -15.39 -17.78 -41.84
C MET B 119 -14.65 -17.49 -43.15
N VAL B 120 -14.46 -18.54 -43.98
CA VAL B 120 -13.86 -18.38 -45.31
C VAL B 120 -14.83 -17.66 -46.23
N GLU B 121 -16.08 -18.11 -46.24
CA GLU B 121 -17.16 -17.42 -46.94
C GLU B 121 -17.23 -15.93 -46.61
N ILE B 122 -17.23 -15.62 -45.31
CA ILE B 122 -17.35 -14.25 -44.80
C ILE B 122 -16.17 -13.40 -45.26
N SER B 123 -14.96 -13.89 -44.99
CA SER B 123 -13.76 -13.11 -45.22
C SER B 123 -13.47 -12.85 -46.70
N ALA B 124 -14.00 -13.72 -47.56
CA ALA B 124 -13.90 -13.52 -49.00
C ALA B 124 -14.85 -12.39 -49.42
N GLU B 125 -16.02 -12.33 -48.80
CA GLU B 125 -17.02 -11.29 -49.08
C GLU B 125 -16.57 -9.91 -48.59
N ILE B 126 -16.07 -9.86 -47.35
CA ILE B 126 -15.61 -8.61 -46.71
C ILE B 126 -14.48 -7.94 -47.51
N SER B 127 -13.53 -8.74 -47.99
CA SER B 127 -12.45 -8.22 -48.82
C SER B 127 -12.96 -7.89 -50.21
N ASP B 128 -13.98 -8.60 -50.69
CA ASP B 128 -14.61 -8.30 -51.99
C ASP B 128 -15.27 -6.91 -51.99
N LYS B 129 -16.32 -6.75 -51.18
CA LYS B 129 -17.08 -5.49 -51.08
C LYS B 129 -16.16 -4.32 -50.74
N ALA B 130 -15.06 -4.60 -50.03
CA ALA B 130 -14.09 -3.59 -49.60
C ALA B 130 -13.38 -2.91 -50.77
N SER B 131 -12.60 -3.67 -51.54
CA SER B 131 -11.87 -3.13 -52.68
C SER B 131 -12.84 -2.45 -53.67
N ARG B 132 -14.08 -2.89 -53.64
CA ARG B 132 -15.13 -2.25 -54.41
C ARG B 132 -15.45 -0.88 -53.85
N ALA B 133 -15.73 -0.83 -52.56
CA ALA B 133 -16.19 0.40 -51.92
C ALA B 133 -15.09 1.44 -51.92
N ARG B 134 -13.83 1.02 -51.82
CA ARG B 134 -12.72 1.99 -51.97
C ARG B 134 -12.52 2.39 -53.43
N GLU B 135 -13.31 1.78 -54.32
CA GLU B 135 -13.40 2.20 -55.72
C GLU B 135 -14.75 2.89 -55.93
N ASN B 136 -15.49 3.00 -54.82
CA ASN B 136 -16.90 3.47 -54.74
C ASN B 136 -17.81 2.80 -55.74
N LYS B 137 -17.48 1.54 -56.01
CA LYS B 137 -18.15 0.66 -56.96
C LYS B 137 -18.98 -0.34 -56.13
N LEU B 138 -20.12 0.11 -55.63
CA LEU B 138 -20.91 -0.66 -54.67
C LEU B 138 -22.43 -0.44 -54.85
N GLN B 139 -23.23 -1.51 -54.74
CA GLN B 139 -24.70 -1.45 -54.93
C GLN B 139 -25.52 -0.85 -53.77
N LEU B 140 -26.65 -0.20 -54.07
CA LEU B 140 -27.63 0.21 -53.05
C LEU B 140 -28.05 -1.03 -52.21
N ASP B 141 -27.95 -2.17 -52.88
CA ASP B 141 -28.20 -3.52 -52.36
C ASP B 141 -27.31 -3.91 -51.17
N GLU B 142 -26.02 -3.65 -51.34
CA GLU B 142 -24.97 -4.11 -50.42
C GLU B 142 -24.82 -3.16 -49.20
N VAL B 143 -25.66 -2.13 -49.17
CA VAL B 143 -25.58 -1.18 -48.09
C VAL B 143 -26.97 -1.06 -47.44
N GLN B 144 -27.72 -2.16 -47.47
CA GLN B 144 -29.09 -2.21 -46.92
C GLN B 144 -29.12 -2.39 -45.39
N ASP B 145 -29.86 -3.38 -44.89
CA ASP B 145 -30.17 -3.46 -43.45
C ASP B 145 -29.09 -4.07 -42.55
N SER B 146 -28.15 -3.22 -42.18
CA SER B 146 -27.28 -3.49 -41.04
C SER B 146 -28.10 -3.61 -39.77
N THR B 147 -27.97 -4.74 -39.10
CA THR B 147 -28.66 -4.92 -37.85
C THR B 147 -27.70 -4.59 -36.72
N PHE B 148 -26.42 -4.48 -37.09
CA PHE B 148 -25.31 -4.33 -36.15
C PHE B 148 -24.04 -3.95 -36.92
N THR B 149 -23.27 -3.02 -36.37
CA THR B 149 -22.04 -2.53 -37.00
C THR B 149 -20.68 -2.88 -36.29
N ILE B 150 -19.62 -3.10 -37.07
CA ILE B 150 -18.25 -3.31 -36.56
C ILE B 150 -17.26 -2.33 -37.22
N THR B 151 -16.27 -1.89 -36.43
CA THR B 151 -15.24 -0.99 -36.90
C THR B 151 -13.83 -1.41 -36.44
N ASN B 152 -13.12 -2.04 -37.38
CA ASN B 152 -11.73 -2.42 -37.21
C ASN B 152 -10.81 -1.30 -37.71
N VAL B 153 -10.27 -0.53 -36.77
CA VAL B 153 -9.18 0.39 -37.07
C VAL B 153 -7.84 -0.20 -36.61
N GLY B 154 -7.90 -1.39 -35.99
CA GLY B 154 -6.70 -2.10 -35.53
C GLY B 154 -5.85 -2.61 -36.67
N THR B 155 -6.33 -2.33 -37.89
CA THR B 155 -5.57 -2.55 -39.10
C THR B 155 -4.68 -1.34 -39.35
N ILE B 156 -5.04 -0.20 -38.75
CA ILE B 156 -4.22 1.01 -38.77
C ILE B 156 -3.37 1.06 -37.51
N GLY B 157 -4.00 0.75 -36.38
CA GLY B 157 -3.36 0.77 -35.06
C GLY B 157 -4.39 1.03 -33.97
N GLY B 158 -3.92 1.49 -32.81
CA GLY B 158 -4.82 1.86 -31.70
C GLY B 158 -5.37 0.70 -30.88
N ILE B 159 -4.96 0.63 -29.61
CA ILE B 159 -5.37 -0.47 -28.76
C ILE B 159 -6.85 -0.45 -28.57
N MET B 160 -7.43 0.74 -28.66
CA MET B 160 -8.86 0.93 -28.39
C MET B 160 -9.47 2.28 -28.78
N SER B 161 -10.79 2.30 -28.86
CA SER B 161 -11.53 3.52 -29.08
C SER B 161 -12.92 3.52 -28.41
N THR B 162 -13.56 4.69 -28.43
CA THR B 162 -14.96 4.82 -28.08
C THR B 162 -15.76 5.00 -29.40
N PRO B 163 -16.00 3.91 -30.17
CA PRO B 163 -16.63 4.02 -31.49
C PRO B 163 -18.09 4.42 -31.38
N ILE B 164 -18.57 5.28 -32.27
CA ILE B 164 -19.98 5.71 -32.18
C ILE B 164 -20.88 4.87 -33.07
N ILE B 165 -22.00 4.42 -32.48
CA ILE B 165 -22.88 3.42 -33.10
C ILE B 165 -23.41 3.96 -34.37
N ASN B 166 -23.33 3.13 -35.41
CA ASN B 166 -23.87 3.49 -36.72
C ASN B 166 -25.38 3.58 -36.61
N TYR B 167 -25.87 4.79 -36.83
CA TYR B 167 -27.28 5.08 -36.65
C TYR B 167 -28.17 4.42 -37.71
N PRO B 168 -29.34 3.93 -37.28
CA PRO B 168 -29.79 3.90 -35.91
C PRO B 168 -29.57 2.55 -35.24
N GLU B 169 -28.65 1.74 -35.75
CA GLU B 169 -28.32 0.47 -35.08
C GLU B 169 -27.96 0.75 -33.64
N VAL B 170 -28.21 -0.22 -32.78
CA VAL B 170 -28.20 0.07 -31.37
C VAL B 170 -26.92 -0.40 -30.65
N ALA B 171 -26.07 -1.11 -31.37
CA ALA B 171 -24.74 -1.43 -30.88
C ALA B 171 -23.70 -1.26 -31.98
N ILE B 172 -22.43 -1.23 -31.57
CA ILE B 172 -21.28 -1.21 -32.48
C ILE B 172 -20.14 -1.95 -31.78
N LEU B 173 -19.07 -2.29 -32.49
CA LEU B 173 -17.88 -2.96 -31.90
C LEU B 173 -16.60 -2.49 -32.59
N GLY B 174 -15.61 -2.05 -31.82
CA GLY B 174 -14.37 -1.58 -32.41
C GLY B 174 -13.32 -2.66 -32.42
N VAL B 175 -12.71 -2.93 -33.56
CA VAL B 175 -11.62 -3.88 -33.57
C VAL B 175 -10.32 -3.11 -33.64
N HIS B 176 -9.25 -3.70 -33.11
CA HIS B 176 -8.07 -2.95 -32.69
C HIS B 176 -6.73 -3.57 -32.98
N ARG B 177 -5.67 -2.84 -32.61
CA ARG B 177 -4.28 -3.30 -32.75
C ARG B 177 -4.01 -4.36 -31.70
N ILE B 178 -3.33 -5.42 -32.11
CA ILE B 178 -3.01 -6.58 -31.26
C ILE B 178 -1.59 -6.41 -30.74
N LEU B 179 -1.39 -6.54 -29.42
CA LEU B 179 -0.05 -6.34 -28.80
C LEU B 179 0.42 -7.54 -27.96
N GLU B 180 1.72 -7.80 -27.93
CA GLU B 180 2.27 -8.92 -27.18
C GLU B 180 2.68 -8.50 -25.78
N ARG B 181 2.23 -9.25 -24.77
CA ARG B 181 2.48 -8.88 -23.36
C ARG B 181 3.47 -9.80 -22.64
N GLU B 182 3.06 -11.05 -22.43
CA GLU B 182 3.87 -11.98 -21.65
C GLU B 182 5.23 -12.39 -22.29
N GLY B 183 5.38 -12.44 -23.63
CA GLY B 183 4.38 -12.07 -24.61
C GLY B 183 3.45 -13.17 -25.08
N ARG B 184 2.20 -13.08 -24.63
CA ARG B 184 1.10 -13.78 -25.27
C ARG B 184 0.55 -12.78 -26.26
N LYS B 185 -0.59 -13.07 -26.84
CA LYS B 185 -1.19 -12.13 -27.77
C LYS B 185 -2.59 -11.64 -27.37
N TYR B 186 -2.67 -10.35 -27.00
CA TYR B 186 -3.93 -9.66 -26.68
C TYR B 186 -4.14 -8.40 -27.49
N MET B 187 -5.42 -8.08 -27.69
CA MET B 187 -5.90 -6.76 -28.12
C MET B 187 -7.09 -6.37 -27.21
N TYR B 188 -7.65 -5.17 -27.41
CA TYR B 188 -8.83 -4.77 -26.65
C TYR B 188 -10.05 -4.74 -27.53
N LEU B 189 -11.18 -5.07 -26.94
CA LEU B 189 -12.43 -5.06 -27.67
C LEU B 189 -13.43 -4.12 -27.05
N SER B 190 -13.67 -3.00 -27.72
CA SER B 190 -14.65 -1.99 -27.29
C SER B 190 -16.00 -2.11 -28.00
N LEU B 191 -17.04 -2.22 -27.19
CA LEU B 191 -18.39 -2.21 -27.69
C LEU B 191 -19.13 -0.98 -27.12
N SER B 192 -19.47 -0.03 -28.01
CA SER B 192 -20.37 1.09 -27.69
C SER B 192 -21.79 0.74 -28.09
N CYS B 193 -22.73 1.41 -27.43
CA CYS B 193 -24.14 1.13 -27.59
C CYS B 193 -24.97 2.22 -26.92
N ASP B 194 -26.29 2.08 -27.06
CA ASP B 194 -27.26 3.00 -26.52
C ASP B 194 -27.49 2.69 -25.04
N HIS B 195 -27.39 3.68 -24.16
CA HIS B 195 -27.61 3.35 -22.74
C HIS B 195 -29.06 3.46 -22.29
N ARG B 196 -29.99 3.48 -23.23
CA ARG B 196 -31.39 3.52 -22.85
C ARG B 196 -31.92 2.14 -22.68
N LEU B 197 -31.39 1.19 -23.44
CA LEU B 197 -31.83 -0.20 -23.39
C LEU B 197 -30.77 -1.12 -22.87
N ILE B 198 -29.59 -1.00 -23.46
CA ILE B 198 -28.46 -1.79 -23.07
C ILE B 198 -27.96 -1.25 -21.75
N ASP B 199 -28.52 -1.78 -20.67
CA ASP B 199 -28.04 -1.51 -19.32
C ASP B 199 -26.56 -1.88 -19.25
N GLY B 200 -25.87 -1.34 -18.25
CA GLY B 200 -24.45 -1.62 -18.06
C GLY B 200 -24.12 -3.11 -18.13
N ALA B 201 -24.70 -3.87 -17.22
CA ALA B 201 -24.37 -5.27 -17.08
C ALA B 201 -24.41 -6.04 -18.39
N VAL B 202 -25.37 -5.72 -19.27
CA VAL B 202 -25.59 -6.50 -20.49
C VAL B 202 -24.50 -6.27 -21.53
N ALA B 203 -24.03 -5.03 -21.63
CA ALA B 203 -22.92 -4.70 -22.50
C ALA B 203 -21.70 -5.55 -22.19
N THR B 204 -21.38 -5.64 -20.90
CA THR B 204 -20.27 -6.44 -20.40
C THR B 204 -20.60 -7.91 -20.54
N ARG B 205 -21.77 -8.29 -20.06
CA ARG B 205 -22.22 -9.66 -20.19
C ARG B 205 -22.16 -10.08 -21.66
N PHE B 206 -22.22 -9.13 -22.58
CA PHE B 206 -22.01 -9.44 -23.97
C PHE B 206 -20.53 -9.61 -24.29
N ILE B 207 -19.69 -8.60 -24.02
CA ILE B 207 -18.27 -8.74 -24.36
C ILE B 207 -17.39 -9.47 -23.35
N VAL B 208 -17.98 -10.14 -22.36
CA VAL B 208 -17.28 -11.30 -21.78
C VAL B 208 -17.68 -12.53 -22.61
N ASP B 209 -18.94 -12.55 -23.06
CA ASP B 209 -19.49 -13.67 -23.87
C ASP B 209 -18.93 -13.74 -25.30
N LEU B 210 -18.33 -12.64 -25.74
CA LEU B 210 -17.55 -12.61 -26.97
C LEU B 210 -16.12 -13.00 -26.65
N LYS B 211 -15.53 -12.35 -25.65
CA LYS B 211 -14.17 -12.60 -25.22
C LYS B 211 -13.97 -14.10 -25.03
N LYS B 212 -14.94 -14.79 -24.44
CA LYS B 212 -14.85 -16.24 -24.21
C LYS B 212 -14.85 -17.14 -25.47
N VAL B 213 -15.41 -16.63 -26.57
CA VAL B 213 -15.48 -17.38 -27.83
C VAL B 213 -14.19 -17.26 -28.67
N ILE B 214 -13.53 -16.10 -28.63
CA ILE B 214 -12.25 -15.90 -29.34
C ILE B 214 -11.12 -16.73 -28.71
N GLU B 215 -11.27 -16.97 -27.40
CA GLU B 215 -10.28 -17.63 -26.56
C GLU B 215 -10.43 -19.14 -26.61
N ASP B 216 -11.65 -19.61 -26.88
CA ASP B 216 -11.93 -21.04 -27.04
C ASP B 216 -12.71 -21.33 -28.34
N PRO B 217 -12.03 -21.31 -29.51
CA PRO B 217 -12.77 -21.53 -30.76
C PRO B 217 -13.17 -23.00 -30.93
N ASN B 218 -12.74 -23.83 -29.98
CA ASN B 218 -12.73 -25.28 -30.13
C ASN B 218 -13.92 -26.07 -29.51
N ALA B 219 -14.39 -25.65 -28.34
CA ALA B 219 -15.63 -26.22 -27.79
C ALA B 219 -16.79 -25.26 -28.08
N GLU C 6 -39.79 -9.33 -37.85
CA GLU C 6 -39.24 -8.83 -36.56
C GLU C 6 -40.34 -8.44 -35.58
N GLU C 7 -40.05 -8.48 -34.29
CA GLU C 7 -41.01 -8.07 -33.28
C GLU C 7 -40.59 -6.77 -32.63
N ILE C 8 -41.32 -5.71 -32.97
CA ILE C 8 -41.17 -4.40 -32.34
C ILE C 8 -41.70 -4.55 -30.93
N LEU C 9 -40.88 -4.14 -29.98
CA LEU C 9 -41.36 -4.07 -28.61
C LEU C 9 -41.04 -2.70 -27.98
N GLU C 10 -41.99 -2.26 -27.17
CA GLU C 10 -42.22 -0.86 -26.83
C GLU C 10 -41.35 -0.37 -25.68
N MET C 11 -41.97 0.35 -24.74
CA MET C 11 -41.31 0.77 -23.51
C MET C 11 -42.22 0.66 -22.28
N HIS C 12 -41.52 0.48 -21.16
CA HIS C 12 -42.00 -0.14 -19.95
C HIS C 12 -42.10 0.96 -18.92
N GLY C 13 -42.18 0.60 -17.64
CA GLY C 13 -42.05 1.57 -16.55
C GLY C 13 -40.57 1.83 -16.28
N LEU C 14 -39.94 0.92 -15.55
CA LEU C 14 -38.49 0.96 -15.24
C LEU C 14 -37.61 1.20 -16.47
N ARG C 15 -37.96 0.54 -17.57
CA ARG C 15 -37.32 0.79 -18.87
C ARG C 15 -37.57 2.21 -19.37
N ARG C 16 -38.81 2.71 -19.26
CA ARG C 16 -39.14 4.09 -19.62
C ARG C 16 -38.43 5.11 -18.74
N ILE C 17 -38.17 4.74 -17.49
CA ILE C 17 -37.37 5.56 -16.56
C ILE C 17 -35.93 5.63 -17.05
N ILE C 18 -35.31 4.46 -17.13
CA ILE C 18 -33.90 4.36 -17.48
C ILE C 18 -33.65 4.85 -18.90
N PHE C 19 -34.62 4.68 -19.79
CA PHE C 19 -34.54 5.37 -21.07
C PHE C 19 -34.41 6.87 -20.83
N ASP C 20 -35.34 7.40 -20.04
CA ASP C 20 -35.46 8.83 -19.82
C ASP C 20 -34.29 9.45 -19.09
N LYS C 21 -33.89 8.85 -17.96
CA LYS C 21 -32.72 9.31 -17.17
C LYS C 21 -31.58 9.62 -18.10
N MET C 22 -31.42 8.75 -19.11
CA MET C 22 -30.29 8.78 -20.02
C MET C 22 -30.47 9.83 -21.10
N THR C 23 -31.57 9.75 -21.82
CA THR C 23 -31.82 10.70 -22.87
C THR C 23 -31.55 12.11 -22.35
N LYS C 24 -31.80 12.32 -21.05
CA LYS C 24 -31.53 13.60 -20.38
C LYS C 24 -30.06 13.74 -19.89
N ALA C 25 -29.56 12.72 -19.17
CA ALA C 25 -28.23 12.76 -18.53
C ALA C 25 -27.20 13.39 -19.43
N LYS C 26 -26.96 12.77 -20.58
CA LYS C 26 -26.04 13.38 -21.55
C LYS C 26 -26.75 14.16 -22.67
N GLN C 27 -27.98 14.62 -22.40
CA GLN C 27 -28.58 15.68 -23.22
C GLN C 27 -28.03 17.01 -22.73
N ILE C 28 -27.54 17.04 -21.50
CA ILE C 28 -27.12 18.31 -20.93
C ILE C 28 -25.89 18.27 -20.05
N MET C 29 -25.34 17.08 -19.81
CA MET C 29 -23.99 16.95 -19.17
C MET C 29 -22.90 16.43 -20.16
N PRO C 30 -21.98 17.33 -20.59
CA PRO C 30 -20.86 16.91 -21.43
C PRO C 30 -19.98 15.96 -20.65
N HIS C 31 -19.78 14.75 -21.16
CA HIS C 31 -19.01 13.72 -20.43
C HIS C 31 -17.52 13.68 -20.70
N PHE C 32 -16.79 13.87 -19.61
CA PHE C 32 -15.37 13.61 -19.55
C PHE C 32 -15.12 12.37 -18.72
N THR C 33 -14.19 11.54 -19.17
CA THR C 33 -13.89 10.31 -18.48
C THR C 33 -12.40 10.06 -18.41
N VAL C 34 -11.90 9.75 -17.21
CA VAL C 34 -10.47 9.55 -16.96
C VAL C 34 -10.23 8.30 -16.13
N MET C 35 -9.05 7.71 -16.29
CA MET C 35 -8.69 6.48 -15.58
C MET C 35 -7.25 6.37 -15.06
N GLU C 36 -7.09 5.62 -13.98
CA GLU C 36 -5.80 5.10 -13.62
C GLU C 36 -5.93 3.60 -13.41
N GLU C 37 -4.88 3.02 -12.86
CA GLU C 37 -4.92 1.66 -12.36
C GLU C 37 -4.51 1.67 -10.89
N VAL C 38 -4.74 0.56 -10.20
CA VAL C 38 -4.45 0.45 -8.76
C VAL C 38 -3.79 -0.89 -8.43
N ASP C 39 -2.68 -0.84 -7.71
CA ASP C 39 -2.09 -2.04 -7.18
C ASP C 39 -3.06 -2.56 -6.13
N VAL C 40 -4.07 -3.30 -6.59
CA VAL C 40 -5.15 -3.75 -5.70
C VAL C 40 -4.75 -4.94 -4.85
N THR C 41 -3.55 -5.50 -5.09
CA THR C 41 -3.01 -6.60 -4.28
C THR C 41 -3.04 -6.31 -2.77
N SER C 42 -2.76 -5.05 -2.42
CA SER C 42 -2.80 -4.54 -1.04
C SER C 42 -4.25 -4.48 -0.55
N MET C 43 -5.15 -4.28 -1.51
CA MET C 43 -6.56 -4.33 -1.26
C MET C 43 -7.05 -5.78 -1.26
N VAL C 44 -6.97 -6.43 -2.42
CA VAL C 44 -7.55 -7.77 -2.62
C VAL C 44 -7.44 -8.68 -1.41
N SER C 45 -6.25 -8.71 -0.81
CA SER C 45 -6.00 -9.61 0.31
C SER C 45 -6.71 -9.13 1.58
N ILE C 46 -6.93 -7.81 1.70
CA ILE C 46 -7.58 -7.22 2.88
C ILE C 46 -9.02 -7.70 3.10
N LEU C 47 -9.70 -8.05 2.00
CA LEU C 47 -11.02 -8.65 2.05
C LEU C 47 -10.89 -10.13 2.34
N ASP C 48 -9.90 -10.76 1.74
CA ASP C 48 -9.63 -12.19 1.93
C ASP C 48 -9.24 -12.60 3.34
N SER C 49 -8.68 -11.67 4.09
CA SER C 49 -8.40 -11.92 5.50
C SER C 49 -9.67 -11.68 6.31
N ALA C 50 -10.49 -10.73 5.88
CA ALA C 50 -11.77 -10.45 6.53
C ALA C 50 -12.91 -11.30 5.96
N LYS C 51 -12.70 -11.86 4.77
CA LYS C 51 -13.64 -12.82 4.21
C LYS C 51 -13.36 -14.13 4.94
N ALA C 52 -12.24 -14.17 5.65
CA ALA C 52 -11.83 -15.34 6.39
C ALA C 52 -12.56 -15.42 7.72
N ARG C 53 -12.79 -14.29 8.37
CA ARG C 53 -13.44 -14.28 9.69
C ARG C 53 -14.89 -13.84 9.71
N ASN C 54 -15.14 -12.78 8.96
CA ASN C 54 -16.30 -11.92 9.17
C ASN C 54 -16.82 -11.55 7.79
N ARG C 55 -17.35 -12.58 7.12
CA ARG C 55 -17.97 -12.46 5.80
C ARG C 55 -19.00 -11.34 5.87
N LYS C 56 -18.83 -10.29 5.06
CA LYS C 56 -18.13 -10.37 3.79
C LYS C 56 -17.09 -9.27 3.52
N VAL C 57 -17.59 -8.06 3.24
CA VAL C 57 -16.95 -7.03 2.38
C VAL C 57 -16.78 -7.51 0.91
N THR C 58 -17.61 -6.99 0.01
CA THR C 58 -17.50 -7.22 -1.43
C THR C 58 -16.51 -6.21 -1.94
N VAL C 59 -16.16 -6.33 -3.22
CA VAL C 59 -15.36 -5.30 -3.88
C VAL C 59 -16.14 -3.96 -3.92
N THR C 60 -17.42 -4.01 -4.32
CA THR C 60 -18.35 -2.87 -4.19
C THR C 60 -18.23 -2.26 -2.78
N GLY C 61 -18.42 -3.12 -1.79
CA GLY C 61 -18.41 -2.76 -0.37
C GLY C 61 -17.18 -2.07 0.18
N PHE C 62 -15.98 -2.53 -0.17
CA PHE C 62 -14.74 -1.85 0.28
C PHE C 62 -14.62 -0.46 -0.34
N LEU C 63 -14.93 -0.36 -1.62
CA LEU C 63 -14.79 0.93 -2.28
C LEU C 63 -15.65 2.04 -1.68
N ALA C 64 -16.92 1.73 -1.44
CA ALA C 64 -17.85 2.66 -0.83
C ALA C 64 -17.43 3.11 0.55
N ARG C 65 -16.55 2.34 1.17
CA ARG C 65 -15.99 2.68 2.48
C ARG C 65 -15.05 3.88 2.35
N ILE C 66 -14.24 3.88 1.29
CA ILE C 66 -13.18 4.87 1.12
C ILE C 66 -13.69 6.12 0.40
N VAL C 67 -14.45 5.89 -0.65
CA VAL C 67 -14.88 6.97 -1.52
C VAL C 67 -15.35 8.28 -0.87
N PRO C 68 -16.14 8.22 0.25
CA PRO C 68 -16.62 9.48 0.83
C PRO C 68 -15.52 10.40 1.39
N SER C 69 -14.63 9.84 2.21
CA SER C 69 -13.55 10.64 2.83
C SER C 69 -12.59 11.37 1.85
N ILE C 70 -12.80 11.20 0.54
CA ILE C 70 -11.98 11.88 -0.47
C ILE C 70 -12.83 12.87 -1.25
N LEU C 71 -14.13 12.57 -1.29
CA LEU C 71 -15.09 13.54 -1.78
C LEU C 71 -15.14 14.65 -0.74
N LYS C 72 -14.68 14.32 0.46
CA LYS C 72 -14.51 15.29 1.52
C LYS C 72 -13.48 16.37 1.13
N GLN C 73 -12.40 15.95 0.49
CA GLN C 73 -11.33 16.86 0.09
C GLN C 73 -11.69 17.52 -1.21
N TYR C 74 -12.35 16.77 -2.08
CA TYR C 74 -12.78 17.25 -3.38
C TYR C 74 -14.27 17.42 -3.47
N PRO C 75 -14.77 18.62 -3.12
CA PRO C 75 -16.18 18.84 -2.89
C PRO C 75 -16.98 18.85 -4.20
N TYR C 76 -16.33 19.28 -5.28
CA TYR C 76 -17.00 19.51 -6.56
C TYR C 76 -17.64 18.26 -7.16
N LEU C 77 -17.32 17.10 -6.60
CA LEU C 77 -17.75 15.85 -7.18
C LEU C 77 -18.98 15.25 -6.47
N ASN C 78 -19.21 15.71 -5.25
CA ASN C 78 -20.36 15.30 -4.46
C ASN C 78 -21.41 16.40 -4.58
N ALA C 79 -21.98 16.57 -5.76
CA ALA C 79 -22.90 17.67 -5.99
C ALA C 79 -23.95 17.39 -7.06
N ILE C 80 -24.96 18.26 -7.13
CA ILE C 80 -26.17 18.03 -7.91
C ILE C 80 -26.51 19.14 -8.89
N TYR C 81 -27.16 18.79 -9.98
CA TYR C 81 -27.51 19.77 -11.00
C TYR C 81 -29.02 20.09 -11.30
N ASP C 82 -29.62 20.79 -10.34
CA ASP C 82 -30.67 21.86 -10.44
C ASP C 82 -31.33 22.34 -11.75
N GLU C 83 -32.52 22.92 -11.61
CA GLU C 83 -33.24 23.44 -12.78
C GLU C 83 -33.65 24.87 -12.64
N THR C 84 -33.28 25.44 -11.51
CA THR C 84 -33.13 26.88 -11.38
C THR C 84 -32.07 27.34 -12.41
N ARG C 85 -31.62 26.39 -13.22
CA ARG C 85 -30.66 26.62 -14.32
C ARG C 85 -29.18 26.75 -13.85
N ARG C 86 -28.62 27.97 -13.88
CA ARG C 86 -27.18 28.24 -13.56
C ARG C 86 -26.76 28.02 -12.08
N VAL C 87 -27.09 26.86 -11.53
CA VAL C 87 -27.08 26.67 -10.08
C VAL C 87 -26.25 25.46 -9.58
N TYR C 88 -26.26 25.22 -8.26
CA TYR C 88 -25.19 24.44 -7.60
C TYR C 88 -25.51 23.12 -6.88
N ILE C 89 -26.04 23.25 -5.66
CA ILE C 89 -26.18 22.17 -4.64
C ILE C 89 -24.97 21.28 -4.41
N LEU C 90 -24.07 21.78 -3.59
CA LEU C 90 -22.88 21.06 -3.15
C LEU C 90 -23.23 20.40 -1.83
N LYS C 91 -23.56 19.12 -1.90
CA LYS C 91 -24.05 18.42 -0.70
C LYS C 91 -22.95 17.97 0.27
N LYS C 92 -23.05 18.43 1.52
CA LYS C 92 -22.01 18.18 2.49
C LYS C 92 -22.12 16.78 3.10
N TYR C 93 -23.33 16.24 3.16
CA TYR C 93 -23.55 14.87 3.65
C TYR C 93 -23.40 13.90 2.49
N TYR C 94 -23.07 12.64 2.78
CA TYR C 94 -22.69 11.69 1.75
C TYR C 94 -23.53 10.40 1.78
N ASN C 95 -24.45 10.29 0.82
CA ASN C 95 -25.18 9.05 0.59
C ASN C 95 -24.86 8.59 -0.79
N ILE C 96 -24.12 7.50 -0.89
CA ILE C 96 -23.60 7.05 -2.18
C ILE C 96 -24.54 6.05 -2.87
N GLY C 97 -24.65 6.16 -4.19
CA GLY C 97 -25.48 5.27 -4.99
C GLY C 97 -24.73 4.02 -5.43
N ILE C 98 -25.48 2.93 -5.58
CA ILE C 98 -24.91 1.69 -6.11
C ILE C 98 -25.79 1.08 -7.21
N ALA C 99 -25.22 1.01 -8.43
CA ALA C 99 -25.93 0.53 -9.62
C ALA C 99 -25.91 -0.98 -9.63
N VAL C 100 -27.09 -1.60 -9.68
CA VAL C 100 -27.18 -3.04 -9.67
C VAL C 100 -28.10 -3.53 -10.79
N ASP C 101 -27.82 -4.72 -11.31
CA ASP C 101 -28.67 -5.30 -12.33
C ASP C 101 -29.75 -6.16 -11.66
N THR C 102 -31.00 -5.74 -11.93
CA THR C 102 -32.26 -6.41 -11.55
C THR C 102 -33.03 -6.84 -12.81
N PRO C 103 -33.54 -8.10 -12.84
CA PRO C 103 -34.19 -8.68 -14.01
C PRO C 103 -34.98 -7.74 -14.97
N ASP C 104 -35.43 -6.58 -14.46
CA ASP C 104 -36.23 -5.65 -15.25
C ASP C 104 -35.40 -4.56 -15.95
N GLY C 105 -34.42 -4.04 -15.23
CA GLY C 105 -33.57 -2.94 -15.71
C GLY C 105 -32.71 -2.35 -14.60
N LEU C 106 -31.70 -1.56 -14.98
CA LEU C 106 -30.69 -1.05 -14.06
C LEU C 106 -31.26 -0.15 -12.96
N ASN C 107 -31.16 -0.61 -11.70
CA ASN C 107 -31.62 0.17 -10.53
C ASN C 107 -30.55 0.66 -9.56
N VAL C 108 -30.59 1.97 -9.31
CA VAL C 108 -29.66 2.66 -8.42
C VAL C 108 -30.27 2.73 -7.03
N PHE C 109 -29.51 2.43 -5.99
CA PHE C 109 -29.97 2.72 -4.64
C PHE C 109 -28.89 3.35 -3.78
N VAL C 110 -29.23 3.68 -2.55
CA VAL C 110 -28.34 4.49 -1.72
C VAL C 110 -28.01 3.97 -0.32
N ILE C 111 -26.74 4.16 0.06
CA ILE C 111 -26.21 3.87 1.39
C ILE C 111 -26.30 5.11 2.29
N LYS C 112 -27.26 5.07 3.21
CA LYS C 112 -27.52 6.13 4.19
C LYS C 112 -26.23 6.54 4.90
N ASP C 113 -25.80 7.79 4.69
CA ASP C 113 -24.60 8.35 5.31
C ASP C 113 -23.44 7.35 5.30
N ALA C 114 -22.84 7.15 4.12
CA ALA C 114 -21.77 6.15 3.96
C ALA C 114 -20.54 6.47 4.79
N ASP C 115 -20.23 7.77 4.91
CA ASP C 115 -19.06 8.21 5.66
C ASP C 115 -19.17 7.91 7.15
N ARG C 116 -20.24 7.22 7.54
CA ARG C 116 -20.42 6.80 8.93
C ARG C 116 -20.19 5.30 9.10
N LYS C 117 -20.55 4.52 8.07
CA LYS C 117 -20.61 3.04 8.16
C LYS C 117 -19.26 2.33 7.99
N SER C 118 -19.01 1.35 8.86
CA SER C 118 -17.82 0.50 8.79
C SER C 118 -17.95 -0.50 7.63
N MET C 119 -16.80 -1.02 7.19
CA MET C 119 -16.68 -1.96 6.06
C MET C 119 -17.83 -2.94 5.90
N VAL C 120 -18.04 -3.74 6.95
CA VAL C 120 -19.00 -4.84 6.92
C VAL C 120 -20.41 -4.33 6.69
N GLU C 121 -20.78 -3.30 7.43
CA GLU C 121 -22.14 -2.75 7.41
C GLU C 121 -22.53 -2.35 6.02
N ILE C 122 -21.62 -1.64 5.35
CA ILE C 122 -21.92 -1.15 4.02
C ILE C 122 -22.04 -2.34 3.08
N SER C 123 -21.28 -3.39 3.34
CA SER C 123 -21.32 -4.58 2.52
C SER C 123 -22.51 -5.50 2.81
N ALA C 124 -22.93 -5.56 4.08
CA ALA C 124 -24.13 -6.32 4.48
C ALA C 124 -25.41 -5.67 3.95
N GLU C 125 -25.37 -4.34 3.86
CA GLU C 125 -26.44 -3.53 3.29
C GLU C 125 -26.62 -3.73 1.79
N ILE C 126 -25.53 -3.62 1.04
CA ILE C 126 -25.63 -3.80 -0.41
C ILE C 126 -26.19 -5.19 -0.68
N SER C 127 -25.79 -6.16 0.14
CA SER C 127 -26.37 -7.52 0.13
C SER C 127 -27.87 -7.49 0.47
N ASP C 128 -28.20 -6.75 1.51
CA ASP C 128 -29.57 -6.60 1.93
C ASP C 128 -30.41 -6.06 0.77
N LYS C 129 -29.96 -4.96 0.17
CA LYS C 129 -30.78 -4.24 -0.80
C LYS C 129 -30.78 -4.80 -2.20
N ALA C 130 -29.66 -5.35 -2.65
CA ALA C 130 -29.57 -5.87 -4.02
C ALA C 130 -30.48 -7.07 -4.33
N SER C 131 -30.51 -8.07 -3.44
CA SER C 131 -31.37 -9.23 -3.68
C SER C 131 -32.82 -8.84 -3.45
N ARG C 132 -33.01 -7.81 -2.62
CA ARG C 132 -34.30 -7.13 -2.50
C ARG C 132 -34.61 -6.25 -3.71
N ALA C 133 -33.57 -5.75 -4.37
CA ALA C 133 -33.72 -4.97 -5.59
C ALA C 133 -34.08 -5.87 -6.76
N ARG C 134 -33.57 -7.11 -6.75
CA ARG C 134 -33.90 -8.12 -7.77
C ARG C 134 -35.37 -8.54 -7.71
N GLU C 135 -35.84 -8.82 -6.48
CA GLU C 135 -37.19 -9.31 -6.22
C GLU C 135 -38.15 -8.12 -6.17
N ASN C 136 -37.61 -7.03 -6.71
CA ASN C 136 -38.33 -5.81 -7.01
C ASN C 136 -39.17 -5.28 -5.89
N LYS C 137 -38.79 -5.64 -4.67
CA LYS C 137 -39.45 -5.14 -3.49
C LYS C 137 -38.51 -4.27 -2.65
N LEU C 138 -38.36 -3.03 -3.13
CA LEU C 138 -37.49 -2.02 -2.55
C LEU C 138 -38.33 -0.77 -2.38
N GLN C 139 -37.96 0.13 -1.47
CA GLN C 139 -38.85 1.27 -1.12
C GLN C 139 -38.42 2.69 -1.55
N LEU C 140 -39.43 3.55 -1.75
CA LEU C 140 -39.26 4.90 -2.28
C LEU C 140 -38.07 5.64 -1.71
N ASP C 141 -37.89 5.57 -0.38
CA ASP C 141 -36.82 6.32 0.28
C ASP C 141 -35.42 5.77 -0.05
N GLU C 142 -35.34 4.49 -0.37
CA GLU C 142 -34.07 3.81 -0.59
C GLU C 142 -33.39 4.10 -1.94
N VAL C 143 -34.11 4.73 -2.87
CA VAL C 143 -33.57 4.93 -4.24
C VAL C 143 -33.24 6.41 -4.56
N GLN C 144 -33.25 7.24 -3.50
CA GLN C 144 -33.31 8.70 -3.60
C GLN C 144 -32.09 9.37 -2.97
N ASP C 145 -31.65 10.51 -3.50
CA ASP C 145 -30.68 11.35 -2.78
C ASP C 145 -29.21 10.84 -2.85
N SER C 146 -28.91 10.03 -3.86
CA SER C 146 -27.52 9.67 -4.14
C SER C 146 -26.71 10.94 -4.39
N THR C 147 -25.87 11.31 -3.45
CA THR C 147 -24.95 12.46 -3.64
C THR C 147 -23.84 12.15 -4.65
N PHE C 148 -23.55 10.86 -4.81
CA PHE C 148 -22.54 10.31 -5.72
C PHE C 148 -22.93 8.83 -5.97
N THR C 149 -22.36 8.20 -7.00
CA THR C 149 -22.73 6.80 -7.32
C THR C 149 -21.64 5.93 -7.97
N ILE C 150 -21.61 4.62 -7.63
CA ILE C 150 -20.58 3.68 -8.13
C ILE C 150 -21.06 2.42 -8.85
N THR C 151 -20.56 2.23 -10.07
CA THR C 151 -20.98 1.15 -10.94
C THR C 151 -19.92 0.07 -11.12
N ASN C 152 -20.18 -1.10 -10.55
CA ASN C 152 -19.28 -2.26 -10.74
C ASN C 152 -19.76 -3.14 -11.87
N VAL C 153 -18.88 -3.39 -12.84
CA VAL C 153 -19.14 -4.35 -13.89
C VAL C 153 -18.25 -5.58 -13.69
N GLY C 154 -17.35 -5.47 -12.70
CA GLY C 154 -16.28 -6.41 -12.48
C GLY C 154 -16.73 -7.79 -12.07
N THR C 155 -17.94 -7.88 -11.55
CA THR C 155 -18.51 -9.19 -11.21
C THR C 155 -19.12 -9.86 -12.44
N ILE C 156 -18.99 -9.19 -13.59
CA ILE C 156 -19.30 -9.81 -14.89
C ILE C 156 -18.01 -9.89 -15.72
N GLY C 157 -17.33 -8.75 -15.87
CA GLY C 157 -16.09 -8.68 -16.63
C GLY C 157 -15.76 -7.25 -17.02
N GLY C 158 -14.90 -7.08 -18.02
CA GLY C 158 -14.58 -5.74 -18.52
C GLY C 158 -13.31 -5.16 -17.95
N ILE C 159 -12.53 -4.51 -18.81
CA ILE C 159 -11.30 -3.78 -18.45
C ILE C 159 -11.56 -2.40 -17.83
N MET C 160 -12.23 -1.56 -18.63
CA MET C 160 -12.56 -0.16 -18.31
C MET C 160 -13.74 0.34 -19.18
N SER C 161 -14.69 1.05 -18.58
CA SER C 161 -15.78 1.60 -19.38
C SER C 161 -15.84 3.13 -19.26
N THR C 162 -16.63 3.78 -20.11
CA THR C 162 -17.03 5.21 -19.95
C THR C 162 -18.49 5.28 -19.46
N PRO C 163 -18.74 5.24 -18.11
CA PRO C 163 -20.12 5.14 -17.64
C PRO C 163 -20.82 6.47 -17.81
N ILE C 164 -22.14 6.45 -17.92
CA ILE C 164 -22.90 7.68 -18.07
C ILE C 164 -23.36 8.11 -16.66
N ILE C 165 -23.07 9.36 -16.26
CA ILE C 165 -23.33 9.87 -14.88
C ILE C 165 -24.80 9.75 -14.49
N ASN C 166 -25.10 9.36 -13.25
CA ASN C 166 -26.47 9.39 -12.81
C ASN C 166 -26.87 10.82 -12.51
N TYR C 167 -27.86 11.28 -13.27
CA TYR C 167 -28.48 12.59 -13.14
C TYR C 167 -29.35 12.69 -11.86
N PRO C 168 -29.30 13.83 -11.16
CA PRO C 168 -28.45 14.96 -11.49
C PRO C 168 -27.28 15.11 -10.53
N GLU C 169 -26.53 14.03 -10.34
CA GLU C 169 -25.26 14.14 -9.65
C GLU C 169 -24.30 14.78 -10.61
N VAL C 170 -23.03 14.69 -10.30
CA VAL C 170 -22.10 15.43 -11.08
C VAL C 170 -20.93 14.49 -11.41
N ALA C 171 -21.01 13.27 -10.93
CA ALA C 171 -19.90 12.34 -11.11
C ALA C 171 -20.28 10.90 -10.82
N ILE C 172 -19.67 9.99 -11.59
CA ILE C 172 -19.84 8.54 -11.44
C ILE C 172 -18.47 7.80 -11.51
N LEU C 173 -18.37 6.63 -10.86
CA LEU C 173 -17.11 5.84 -10.82
C LEU C 173 -17.25 4.34 -11.15
N GLY C 174 -16.45 3.88 -12.12
CA GLY C 174 -16.54 2.53 -12.67
C GLY C 174 -15.56 1.51 -12.13
N VAL C 175 -16.10 0.52 -11.43
CA VAL C 175 -15.31 -0.60 -10.95
C VAL C 175 -15.29 -1.65 -12.06
N HIS C 176 -14.18 -2.38 -12.16
CA HIS C 176 -13.97 -3.35 -13.23
C HIS C 176 -13.37 -4.63 -12.75
N ARG C 177 -13.13 -5.55 -13.68
CA ARG C 177 -12.54 -6.87 -13.36
C ARG C 177 -11.10 -6.72 -12.90
N ILE C 178 -10.66 -7.64 -12.05
CA ILE C 178 -9.28 -7.66 -11.56
C ILE C 178 -8.31 -8.15 -12.64
N LEU C 179 -7.04 -7.80 -12.53
CA LEU C 179 -6.10 -8.20 -13.59
C LEU C 179 -5.08 -9.30 -13.17
N GLU C 180 -3.83 -8.92 -12.87
CA GLU C 180 -2.70 -9.88 -12.72
C GLU C 180 -1.65 -9.57 -13.79
N ARG C 181 -0.99 -8.43 -13.64
CA ARG C 181 0.05 -8.03 -14.57
C ARG C 181 1.36 -8.78 -14.30
N GLU C 182 2.08 -8.42 -13.23
CA GLU C 182 3.33 -9.10 -12.88
C GLU C 182 3.96 -8.74 -11.52
N GLY C 183 3.78 -9.59 -10.51
CA GLY C 183 2.81 -10.68 -10.52
C GLY C 183 1.66 -10.24 -9.63
N ARG C 184 1.45 -8.93 -9.59
CA ARG C 184 0.51 -8.28 -8.71
C ARG C 184 -0.88 -8.24 -9.30
N LYS C 185 -1.86 -8.03 -8.43
CA LYS C 185 -3.28 -7.92 -8.77
C LYS C 185 -3.59 -6.49 -9.23
N TYR C 186 -4.05 -6.34 -10.47
CA TYR C 186 -4.44 -5.01 -11.00
C TYR C 186 -5.92 -4.87 -11.38
N MET C 187 -6.35 -3.62 -11.60
CA MET C 187 -7.72 -3.26 -11.96
C MET C 187 -7.74 -1.82 -12.41
N TYR C 188 -8.49 -1.54 -13.48
CA TYR C 188 -8.69 -0.17 -13.92
C TYR C 188 -9.93 0.39 -13.28
N LEU C 189 -9.83 1.65 -12.87
CA LEU C 189 -10.96 2.45 -12.41
C LEU C 189 -11.08 3.61 -13.36
N SER C 190 -12.31 4.10 -13.52
CA SER C 190 -12.60 5.24 -14.40
C SER C 190 -13.40 6.35 -13.69
N LEU C 191 -13.36 7.57 -14.22
CA LEU C 191 -14.20 8.62 -13.70
C LEU C 191 -14.87 9.38 -14.86
N SER C 192 -16.21 9.52 -14.77
CA SER C 192 -16.97 10.37 -15.67
C SER C 192 -17.63 11.50 -14.87
N CYS C 193 -17.67 12.68 -15.47
CA CYS C 193 -18.18 13.85 -14.78
C CYS C 193 -18.70 14.91 -15.77
N ASP C 194 -19.40 15.90 -15.21
CA ASP C 194 -19.85 17.06 -15.95
C ASP C 194 -18.62 17.91 -16.05
N HIS C 195 -18.21 18.11 -17.29
CA HIS C 195 -16.97 18.79 -17.64
C HIS C 195 -17.21 20.28 -17.66
N ARG C 196 -18.08 20.76 -16.78
CA ARG C 196 -18.22 22.18 -16.61
C ARG C 196 -18.09 22.52 -15.14
N LEU C 197 -18.88 21.84 -14.28
CA LEU C 197 -18.79 21.98 -12.81
C LEU C 197 -17.44 21.32 -12.27
N ILE C 198 -16.80 20.50 -13.12
CA ILE C 198 -15.51 19.79 -12.85
C ILE C 198 -14.53 19.90 -14.05
N ASP C 199 -13.33 20.39 -13.78
CA ASP C 199 -12.26 20.54 -14.78
C ASP C 199 -11.79 19.23 -15.36
N GLY C 200 -10.78 19.28 -16.21
CA GLY C 200 -10.05 18.08 -16.57
C GLY C 200 -9.22 17.74 -15.36
N ALA C 201 -8.18 18.55 -15.13
CA ALA C 201 -7.25 18.36 -14.04
C ALA C 201 -7.89 17.91 -12.74
N VAL C 202 -8.93 18.59 -12.29
CA VAL C 202 -9.45 18.33 -10.94
C VAL C 202 -10.14 16.96 -10.84
N ALA C 203 -10.58 16.42 -11.97
CA ALA C 203 -11.19 15.10 -11.97
C ALA C 203 -10.12 14.06 -11.74
N THR C 204 -8.99 14.28 -12.41
CA THR C 204 -7.84 13.39 -12.35
C THR C 204 -7.12 13.49 -10.98
N ARG C 205 -6.90 14.72 -10.53
CA ARG C 205 -6.37 14.97 -9.19
C ARG C 205 -7.19 14.22 -8.13
N PHE C 206 -8.48 14.00 -8.42
CA PHE C 206 -9.31 13.25 -7.51
C PHE C 206 -9.01 11.76 -7.49
N ILE C 207 -8.97 11.14 -8.68
CA ILE C 207 -8.77 9.69 -8.81
C ILE C 207 -7.43 9.19 -8.22
N VAL C 208 -6.40 10.05 -8.23
CA VAL C 208 -5.06 9.71 -7.68
C VAL C 208 -5.03 9.72 -6.15
N ASP C 209 -5.75 10.66 -5.53
CA ASP C 209 -5.89 10.71 -4.08
C ASP C 209 -6.70 9.51 -3.60
N LEU C 210 -7.67 9.10 -4.40
CA LEU C 210 -8.45 7.91 -4.11
C LEU C 210 -7.61 6.66 -4.34
N LYS C 211 -6.94 6.61 -5.50
CA LYS C 211 -6.06 5.51 -5.85
C LYS C 211 -5.08 5.26 -4.71
N LYS C 212 -4.49 6.35 -4.20
CA LYS C 212 -3.50 6.26 -3.13
C LYS C 212 -4.00 5.56 -1.87
N VAL C 213 -5.32 5.49 -1.64
CA VAL C 213 -5.88 4.82 -0.45
C VAL C 213 -6.33 3.38 -0.73
N ILE C 214 -6.23 2.99 -1.99
CA ILE C 214 -6.40 1.59 -2.35
C ILE C 214 -5.00 1.06 -2.61
N GLU C 215 -4.08 1.99 -2.84
CA GLU C 215 -2.65 1.75 -2.94
C GLU C 215 -2.11 1.47 -1.52
N ASP C 216 -2.59 2.25 -0.57
CA ASP C 216 -2.15 2.22 0.84
C ASP C 216 -3.38 2.13 1.74
N PRO C 217 -3.87 0.89 1.98
CA PRO C 217 -5.01 0.74 2.89
C PRO C 217 -4.56 0.92 4.37
N ASN C 218 -3.24 0.98 4.56
CA ASN C 218 -2.59 1.16 5.85
C ASN C 218 -2.61 2.61 6.36
N ALA C 219 -2.79 3.55 5.44
CA ALA C 219 -2.96 4.99 5.76
C ALA C 219 -4.15 5.23 6.71
N GLU D 6 26.63 -27.33 47.86
CA GLU D 6 25.56 -26.86 46.94
C GLU D 6 25.10 -27.95 45.97
N GLU D 7 23.85 -27.83 45.51
CA GLU D 7 23.23 -28.88 44.70
C GLU D 7 23.41 -28.73 43.18
N ILE D 8 23.35 -29.88 42.51
CA ILE D 8 23.56 -30.02 41.08
C ILE D 8 22.69 -31.16 40.59
N LEU D 9 22.21 -31.06 39.35
CA LEU D 9 21.55 -32.20 38.68
C LEU D 9 21.97 -32.25 37.19
N GLU D 10 21.31 -33.08 36.38
CA GLU D 10 21.72 -33.30 34.98
C GLU D 10 20.51 -33.30 34.05
N MET D 11 20.70 -32.91 32.79
CA MET D 11 19.57 -32.69 31.86
C MET D 11 18.68 -33.92 31.54
N HIS D 12 17.47 -33.90 32.13
CA HIS D 12 16.36 -34.86 31.90
C HIS D 12 15.48 -34.52 30.71
N GLY D 13 14.66 -35.50 30.27
CA GLY D 13 13.65 -35.37 29.19
C GLY D 13 13.04 -34.02 28.82
N LEU D 14 11.93 -33.65 29.48
CA LEU D 14 11.12 -32.45 29.11
C LEU D 14 11.91 -31.14 29.22
N ARG D 15 12.62 -30.96 30.33
CA ARG D 15 13.56 -29.86 30.50
C ARG D 15 14.63 -29.89 29.40
N ARG D 16 15.17 -31.08 29.14
CA ARG D 16 16.17 -31.27 28.09
C ARG D 16 15.63 -31.00 26.70
N ILE D 17 14.36 -31.35 26.45
CA ILE D 17 13.73 -31.11 25.14
C ILE D 17 13.69 -29.59 24.85
N ILE D 18 13.31 -28.80 25.85
CA ILE D 18 13.22 -27.32 25.70
C ILE D 18 14.60 -26.67 25.55
N PHE D 19 15.58 -27.21 26.27
CA PHE D 19 16.99 -26.85 26.10
C PHE D 19 17.31 -26.76 24.60
N ASP D 20 17.28 -27.92 23.94
CA ASP D 20 17.74 -28.04 22.57
C ASP D 20 16.97 -27.11 21.65
N LYS D 21 15.64 -27.17 21.74
CA LYS D 21 14.73 -26.38 20.92
C LYS D 21 15.03 -24.90 21.05
N MET D 22 15.43 -24.48 22.26
CA MET D 22 15.80 -23.08 22.54
C MET D 22 17.25 -22.71 22.17
N THR D 23 18.16 -23.66 22.37
CA THR D 23 19.54 -23.46 21.95
C THR D 23 19.56 -23.27 20.44
N LYS D 24 18.73 -24.05 19.75
CA LYS D 24 18.69 -24.09 18.28
C LYS D 24 17.97 -22.88 17.66
N ALA D 25 16.91 -22.44 18.31
CA ALA D 25 16.12 -21.34 17.82
C ALA D 25 16.94 -20.07 17.63
N LYS D 26 17.48 -19.53 18.74
CA LYS D 26 18.36 -18.32 18.69
C LYS D 26 19.83 -18.70 18.32
N GLN D 27 19.98 -19.90 17.75
CA GLN D 27 21.23 -20.36 17.16
C GLN D 27 21.22 -20.04 15.68
N ILE D 28 20.12 -20.38 15.02
CA ILE D 28 20.01 -20.19 13.57
C ILE D 28 19.26 -18.92 13.18
N MET D 29 18.34 -18.47 14.03
CA MET D 29 17.49 -17.36 13.67
C MET D 29 17.89 -16.05 14.32
N PRO D 30 18.31 -15.05 13.50
CA PRO D 30 18.57 -13.69 13.99
C PRO D 30 17.28 -13.05 14.47
N HIS D 31 17.23 -12.70 15.75
CA HIS D 31 15.97 -12.33 16.37
C HIS D 31 15.57 -10.90 16.26
N PHE D 32 14.34 -10.71 15.80
CA PHE D 32 13.74 -9.40 15.69
C PHE D 32 12.35 -9.43 16.31
N THR D 33 12.12 -8.51 17.25
CA THR D 33 10.86 -8.39 17.98
C THR D 33 10.34 -6.93 17.88
N VAL D 34 9.03 -6.77 17.63
CA VAL D 34 8.34 -5.45 17.56
C VAL D 34 7.28 -5.28 18.65
N MET D 35 7.07 -4.05 19.12
CA MET D 35 6.03 -3.76 20.15
C MET D 35 5.00 -2.67 19.82
N GLU D 36 3.73 -3.05 19.90
CA GLU D 36 2.64 -2.11 19.74
C GLU D 36 1.73 -2.18 20.96
N GLU D 37 1.18 -1.03 21.35
CA GLU D 37 0.22 -0.95 22.43
C GLU D 37 -1.18 -1.06 21.81
N VAL D 38 -2.05 -1.86 22.43
CA VAL D 38 -3.40 -2.15 21.88
C VAL D 38 -4.58 -1.76 22.81
N ASP D 39 -5.57 -1.05 22.25
CA ASP D 39 -6.77 -0.66 22.98
C ASP D 39 -7.64 -1.89 23.20
N VAL D 40 -7.48 -2.48 24.37
CA VAL D 40 -8.09 -3.78 24.63
C VAL D 40 -9.45 -3.66 25.30
N THR D 41 -10.03 -2.46 25.20
CA THR D 41 -11.35 -2.14 25.78
C THR D 41 -12.46 -2.96 25.12
N SER D 42 -12.60 -2.76 23.80
CA SER D 42 -13.47 -3.59 22.95
C SER D 42 -13.26 -5.08 23.21
N MET D 43 -12.12 -5.38 23.82
CA MET D 43 -11.75 -6.75 24.13
C MET D 43 -12.45 -7.17 25.42
N VAL D 44 -12.26 -6.40 26.48
CA VAL D 44 -12.76 -6.79 27.79
C VAL D 44 -14.26 -7.05 27.74
N SER D 45 -14.98 -6.13 27.10
CA SER D 45 -16.43 -6.18 27.05
C SER D 45 -16.88 -7.33 26.18
N ILE D 46 -16.06 -7.66 25.20
CA ILE D 46 -16.36 -8.78 24.33
C ILE D 46 -16.31 -10.03 25.19
N LEU D 47 -15.42 -10.02 26.19
CA LEU D 47 -15.08 -11.23 26.92
C LEU D 47 -16.00 -11.55 28.07
N ASP D 48 -16.26 -10.55 28.91
CA ASP D 48 -17.12 -10.72 30.07
C ASP D 48 -18.56 -10.88 29.58
N SER D 49 -18.85 -10.27 28.44
CA SER D 49 -20.16 -10.37 27.79
C SER D 49 -20.35 -11.77 27.23
N ALA D 50 -19.25 -12.49 27.04
CA ALA D 50 -19.32 -13.87 26.60
C ALA D 50 -18.90 -14.84 27.70
N LYS D 51 -18.20 -14.35 28.73
CA LYS D 51 -17.90 -15.17 29.92
C LYS D 51 -19.16 -15.17 30.82
N ALA D 52 -20.06 -14.23 30.53
CA ALA D 52 -21.38 -14.19 31.13
C ALA D 52 -22.42 -14.92 30.27
N ARG D 53 -22.54 -14.55 28.99
CA ARG D 53 -23.63 -15.04 28.12
C ARG D 53 -23.58 -16.55 27.82
N ASN D 54 -22.47 -17.17 28.17
CA ASN D 54 -22.20 -18.55 27.85
C ASN D 54 -21.24 -19.06 28.92
N ARG D 55 -19.98 -18.68 28.74
CA ARG D 55 -18.83 -19.04 29.56
C ARG D 55 -17.70 -19.42 28.60
N LYS D 56 -16.48 -19.51 29.12
CA LYS D 56 -15.27 -19.69 28.32
C LYS D 56 -14.88 -18.41 27.54
N VAL D 57 -14.08 -18.59 26.48
CA VAL D 57 -13.26 -17.52 25.83
C VAL D 57 -12.29 -16.74 26.74
N THR D 58 -11.07 -17.30 26.91
CA THR D 58 -9.96 -16.61 27.58
C THR D 58 -9.31 -15.70 26.55
N VAL D 59 -8.46 -14.78 27.00
CA VAL D 59 -7.77 -13.89 26.07
C VAL D 59 -6.89 -14.72 25.13
N THR D 60 -6.27 -15.77 25.70
CA THR D 60 -5.50 -16.76 24.94
C THR D 60 -6.42 -17.36 23.87
N GLY D 61 -7.63 -17.74 24.29
CA GLY D 61 -8.65 -18.32 23.43
C GLY D 61 -9.21 -17.41 22.35
N PHE D 62 -9.30 -16.12 22.63
CA PHE D 62 -9.75 -15.16 21.63
C PHE D 62 -8.65 -14.93 20.61
N LEU D 63 -7.44 -14.67 21.10
CA LEU D 63 -6.30 -14.38 20.23
C LEU D 63 -6.09 -15.40 19.12
N ALA D 64 -6.28 -16.66 19.45
CA ALA D 64 -6.08 -17.74 18.48
C ALA D 64 -7.09 -17.72 17.30
N ARG D 65 -8.24 -17.09 17.49
CA ARG D 65 -9.21 -17.03 16.41
C ARG D 65 -8.85 -15.95 15.40
N ILE D 66 -8.19 -14.89 15.87
CA ILE D 66 -7.83 -13.78 14.99
C ILE D 66 -6.58 -13.99 14.14
N VAL D 67 -5.65 -14.80 14.62
CA VAL D 67 -4.39 -15.01 13.91
C VAL D 67 -4.48 -15.61 12.49
N PRO D 68 -5.27 -16.71 12.30
CA PRO D 68 -5.24 -17.40 11.01
C PRO D 68 -5.59 -16.55 9.80
N SER D 69 -6.19 -15.38 10.00
CA SER D 69 -6.48 -14.52 8.87
C SER D 69 -5.31 -13.64 8.52
N ILE D 70 -4.48 -13.33 9.50
CA ILE D 70 -3.45 -12.35 9.24
C ILE D 70 -2.17 -13.03 8.77
N LEU D 71 -2.10 -14.35 8.92
CA LEU D 71 -1.03 -15.09 8.29
C LEU D 71 -1.43 -15.33 6.84
N LYS D 72 -2.73 -15.42 6.61
CA LYS D 72 -3.32 -15.51 5.27
C LYS D 72 -3.14 -14.19 4.52
N GLN D 73 -2.80 -13.16 5.27
CA GLN D 73 -2.59 -11.85 4.71
C GLN D 73 -1.11 -11.72 4.35
N TYR D 74 -0.23 -11.98 5.34
CA TYR D 74 1.24 -11.91 5.25
C TYR D 74 1.78 -13.33 5.34
N PRO D 75 1.85 -14.03 4.19
CA PRO D 75 1.83 -15.49 4.22
C PRO D 75 3.08 -15.99 4.90
N TYR D 76 4.12 -15.16 4.83
CA TYR D 76 5.48 -15.43 5.30
C TYR D 76 5.54 -15.85 6.77
N LEU D 77 4.62 -15.32 7.57
CA LEU D 77 4.71 -15.43 9.01
C LEU D 77 4.25 -16.74 9.63
N ASN D 78 3.57 -17.58 8.85
CA ASN D 78 3.52 -18.98 9.21
C ASN D 78 4.21 -19.88 8.18
N ALA D 79 5.54 -19.92 8.34
CA ALA D 79 6.44 -20.83 7.64
C ALA D 79 7.40 -21.48 8.65
N ILE D 80 8.01 -22.60 8.25
CA ILE D 80 9.00 -23.29 9.10
C ILE D 80 10.34 -23.43 8.32
N TYR D 81 11.49 -23.29 8.99
CA TYR D 81 12.78 -23.34 8.29
C TYR D 81 13.41 -24.71 8.45
N ASP D 82 13.72 -25.36 7.34
CA ASP D 82 14.09 -26.78 7.31
C ASP D 82 15.55 -27.14 7.59
N GLU D 83 15.76 -28.44 7.44
CA GLU D 83 17.04 -29.07 7.42
C GLU D 83 17.95 -28.25 6.53
N THR D 84 17.82 -28.50 5.21
CA THR D 84 18.56 -27.81 4.18
C THR D 84 18.49 -26.30 4.42
N ARG D 85 19.63 -25.63 4.22
CA ARG D 85 19.70 -24.17 4.06
C ARG D 85 18.75 -23.84 2.91
N ARG D 86 18.82 -22.60 2.43
CA ARG D 86 18.29 -22.25 1.09
C ARG D 86 16.74 -22.30 0.96
N VAL D 87 16.13 -23.40 1.39
CA VAL D 87 14.71 -23.62 1.19
C VAL D 87 13.97 -23.23 2.45
N TYR D 88 12.67 -22.99 2.34
CA TYR D 88 11.88 -22.50 3.49
C TYR D 88 10.55 -23.18 3.85
N ILE D 89 9.78 -23.60 2.85
CA ILE D 89 8.37 -24.03 3.04
C ILE D 89 7.46 -23.02 3.77
N LEU D 90 6.77 -22.20 2.97
CA LEU D 90 5.65 -21.38 3.43
C LEU D 90 4.42 -22.26 3.58
N LYS D 91 3.76 -22.21 4.73
CA LYS D 91 2.63 -23.11 4.93
C LYS D 91 1.29 -22.48 4.61
N LYS D 92 0.33 -23.32 4.23
CA LYS D 92 -0.98 -22.89 3.80
C LYS D 92 -2.07 -23.30 4.77
N TYR D 93 -1.85 -24.37 5.51
CA TYR D 93 -2.84 -24.84 6.48
C TYR D 93 -2.57 -24.28 7.89
N TYR D 94 -3.33 -23.27 8.26
CA TYR D 94 -3.06 -22.50 9.48
C TYR D 94 -3.50 -23.18 10.77
N ASN D 95 -2.63 -24.01 11.37
CA ASN D 95 -2.92 -24.45 12.74
C ASN D 95 -1.90 -24.00 13.79
N ILE D 96 -2.39 -23.70 14.98
CA ILE D 96 -1.63 -22.93 15.94
C ILE D 96 -1.36 -23.63 17.25
N GLY D 97 -0.14 -23.41 17.73
CA GLY D 97 0.32 -23.95 19.00
C GLY D 97 0.40 -22.89 20.09
N ILE D 98 0.41 -23.35 21.34
CA ILE D 98 0.24 -22.46 22.49
C ILE D 98 0.96 -22.92 23.77
N ALA D 99 1.58 -21.98 24.47
CA ALA D 99 2.50 -22.31 25.56
C ALA D 99 1.81 -22.51 26.91
N VAL D 100 1.84 -23.72 27.45
CA VAL D 100 1.32 -23.95 28.81
C VAL D 100 2.37 -24.51 29.74
N ASP D 101 2.59 -23.81 30.86
CA ASP D 101 3.54 -24.18 31.89
C ASP D 101 3.08 -25.42 32.66
N THR D 102 3.71 -26.56 32.37
CA THR D 102 3.38 -27.82 33.04
C THR D 102 4.23 -27.92 34.30
N PRO D 103 3.99 -28.95 35.14
CA PRO D 103 4.96 -29.15 36.22
C PRO D 103 6.38 -29.50 35.72
N ASP D 104 6.49 -30.16 34.57
CA ASP D 104 7.79 -30.63 34.08
C ASP D 104 8.52 -29.63 33.20
N GLY D 105 7.84 -28.54 32.88
CA GLY D 105 8.45 -27.47 32.09
C GLY D 105 7.46 -26.81 31.15
N LEU D 106 7.97 -26.02 30.22
CA LEU D 106 7.15 -25.42 29.16
C LEU D 106 6.79 -26.42 28.08
N ASN D 107 5.54 -26.36 27.66
CA ASN D 107 5.05 -27.26 26.64
C ASN D 107 4.26 -26.53 25.57
N VAL D 108 4.28 -27.12 24.37
CA VAL D 108 3.50 -26.64 23.23
C VAL D 108 2.51 -27.72 22.75
N PHE D 109 1.21 -27.36 22.70
CA PHE D 109 0.17 -28.16 22.02
C PHE D 109 -0.49 -27.39 20.87
N VAL D 110 -1.13 -28.11 19.96
CA VAL D 110 -1.71 -27.48 18.76
C VAL D 110 -3.20 -27.79 18.52
N ILE D 111 -3.98 -26.72 18.50
CA ILE D 111 -5.36 -26.73 18.01
C ILE D 111 -5.30 -26.74 16.49
N LYS D 112 -5.71 -27.87 15.89
CA LYS D 112 -5.57 -28.05 14.45
C LYS D 112 -6.42 -27.01 13.72
N ASP D 113 -6.10 -26.74 12.47
CA ASP D 113 -6.77 -25.72 11.63
C ASP D 113 -7.67 -24.77 12.41
N ALA D 114 -7.07 -23.76 13.05
CA ALA D 114 -7.79 -22.77 13.85
C ALA D 114 -8.75 -21.95 13.01
N ASP D 115 -8.37 -21.74 11.74
CA ASP D 115 -9.16 -20.97 10.78
C ASP D 115 -10.57 -21.53 10.54
N ARG D 116 -10.80 -22.77 10.95
CA ARG D 116 -12.12 -23.39 10.86
C ARG D 116 -12.88 -23.40 12.20
N LYS D 117 -12.29 -22.81 13.24
CA LYS D 117 -12.80 -23.01 14.60
C LYS D 117 -13.35 -21.77 15.33
N SER D 118 -14.54 -21.92 15.89
CA SER D 118 -15.28 -20.88 16.64
C SER D 118 -14.63 -20.47 17.96
N MET D 119 -14.65 -19.16 18.25
CA MET D 119 -14.00 -18.62 19.45
C MET D 119 -14.18 -19.39 20.73
N VAL D 120 -15.39 -19.91 20.96
CA VAL D 120 -15.64 -20.72 22.15
C VAL D 120 -14.99 -22.13 22.06
N GLU D 121 -15.09 -22.76 20.89
CA GLU D 121 -14.45 -24.06 20.60
C GLU D 121 -12.98 -24.05 20.98
N ILE D 122 -12.25 -23.11 20.36
CA ILE D 122 -10.79 -22.99 20.51
C ILE D 122 -10.49 -22.87 21.99
N SER D 123 -11.27 -22.05 22.68
CA SER D 123 -11.07 -21.81 24.10
C SER D 123 -11.64 -22.93 24.98
N ALA D 124 -12.37 -23.84 24.35
CA ALA D 124 -12.73 -25.09 24.99
C ALA D 124 -11.56 -26.06 24.88
N GLU D 125 -10.97 -26.17 23.69
CA GLU D 125 -9.82 -27.04 23.48
C GLU D 125 -8.57 -26.57 24.18
N ILE D 126 -8.34 -25.26 24.21
CA ILE D 126 -7.14 -24.69 24.89
C ILE D 126 -7.11 -25.14 26.36
N SER D 127 -8.24 -24.99 27.05
CA SER D 127 -8.37 -25.37 28.46
C SER D 127 -8.38 -26.90 28.61
N ASP D 128 -9.08 -27.58 27.70
CA ASP D 128 -9.11 -29.05 27.62
C ASP D 128 -7.71 -29.62 27.59
N LYS D 129 -6.91 -29.15 26.64
CA LYS D 129 -5.55 -29.62 26.47
C LYS D 129 -4.66 -29.16 27.62
N ALA D 130 -4.89 -27.94 28.10
CA ALA D 130 -4.11 -27.42 29.22
C ALA D 130 -4.35 -28.24 30.48
N SER D 131 -5.59 -28.73 30.64
CA SER D 131 -5.96 -29.60 31.76
C SER D 131 -5.15 -30.90 31.72
N ARG D 132 -4.91 -31.40 30.50
CA ARG D 132 -4.16 -32.63 30.29
C ARG D 132 -2.64 -32.44 30.26
N ALA D 133 -2.18 -31.28 29.78
CA ALA D 133 -0.76 -30.94 29.71
C ALA D 133 -0.10 -30.90 31.08
N ARG D 134 -0.91 -30.68 32.10
CA ARG D 134 -0.46 -30.68 33.49
C ARG D 134 -0.23 -32.10 34.00
N GLU D 135 -1.01 -33.06 33.50
CA GLU D 135 -0.77 -34.50 33.77
C GLU D 135 0.07 -35.15 32.67
N ASN D 136 0.73 -34.32 31.86
CA ASN D 136 1.45 -34.73 30.62
C ASN D 136 0.77 -35.83 29.83
N LYS D 137 -0.57 -35.83 29.87
CA LYS D 137 -1.41 -36.78 29.14
C LYS D 137 -2.04 -36.15 27.88
N LEU D 138 -1.15 -35.78 26.96
CA LEU D 138 -1.50 -35.23 25.66
C LEU D 138 -1.15 -36.27 24.59
N GLN D 139 -1.94 -36.33 23.51
CA GLN D 139 -1.69 -37.25 22.41
C GLN D 139 -0.57 -36.79 21.51
N LEU D 140 0.25 -37.73 21.01
CA LEU D 140 1.40 -37.38 20.17
C LEU D 140 0.88 -36.56 18.99
N ASP D 141 -0.40 -36.76 18.70
CA ASP D 141 -1.17 -35.95 17.77
C ASP D 141 -1.05 -34.44 18.00
N GLU D 142 -1.05 -34.09 19.28
CA GLU D 142 -1.32 -32.74 19.70
C GLU D 142 -0.09 -31.88 19.90
N VAL D 143 1.11 -32.48 19.82
CA VAL D 143 2.33 -31.71 20.06
C VAL D 143 3.09 -31.37 18.78
N GLN D 144 2.52 -31.72 17.62
CA GLN D 144 3.20 -31.51 16.33
C GLN D 144 2.37 -30.62 15.40
N ASP D 145 3.02 -30.04 14.38
CA ASP D 145 2.34 -29.46 13.20
C ASP D 145 2.11 -27.95 13.16
N SER D 146 2.37 -27.26 14.27
CA SER D 146 2.14 -25.81 14.38
C SER D 146 2.88 -24.99 13.35
N THR D 147 2.16 -24.15 12.63
CA THR D 147 2.78 -23.26 11.68
C THR D 147 3.28 -22.03 12.41
N PHE D 148 2.70 -21.80 13.58
CA PHE D 148 2.85 -20.55 14.28
C PHE D 148 2.52 -20.83 15.72
N THR D 149 3.03 -19.98 16.61
CA THR D 149 2.84 -20.14 18.04
C THR D 149 2.81 -18.84 18.84
N ILE D 150 2.11 -18.90 19.96
CA ILE D 150 1.80 -17.74 20.81
C ILE D 150 2.11 -18.04 22.27
N THR D 151 2.56 -17.03 23.02
CA THR D 151 2.88 -17.20 24.45
C THR D 151 2.20 -16.21 25.40
N ASN D 152 1.35 -16.74 26.27
CA ASN D 152 0.66 -15.96 27.28
C ASN D 152 1.31 -16.05 28.66
N VAL D 153 2.22 -15.11 28.92
CA VAL D 153 2.78 -14.91 30.25
C VAL D 153 1.87 -13.97 31.04
N GLY D 154 1.05 -13.20 30.32
CA GLY D 154 0.15 -12.20 30.93
C GLY D 154 -0.92 -12.72 31.88
N THR D 155 -0.85 -14.02 32.16
CA THR D 155 -1.66 -14.63 33.17
C THR D 155 -0.84 -14.50 34.46
N ILE D 156 0.45 -14.80 34.35
CA ILE D 156 1.42 -14.59 35.42
C ILE D 156 1.82 -13.12 35.55
N GLY D 157 1.24 -12.27 34.71
CA GLY D 157 1.62 -10.85 34.68
C GLY D 157 2.71 -10.61 33.67
N GLY D 158 3.35 -9.46 33.75
CA GLY D 158 4.37 -9.06 32.77
C GLY D 158 3.73 -8.31 31.61
N ILE D 159 4.26 -7.14 31.27
CA ILE D 159 3.58 -6.25 30.35
C ILE D 159 4.17 -6.22 28.94
N MET D 160 5.29 -6.93 28.76
CA MET D 160 6.14 -6.83 27.56
C MET D 160 7.42 -7.70 27.67
N SER D 161 7.90 -8.23 26.53
CA SER D 161 9.06 -9.17 26.50
C SER D 161 9.64 -9.50 25.10
N THR D 162 10.85 -10.07 25.03
CA THR D 162 11.37 -10.71 23.78
C THR D 162 11.24 -12.25 23.86
N PRO D 163 10.11 -12.84 23.35
CA PRO D 163 9.98 -14.31 23.42
C PRO D 163 10.73 -14.94 22.27
N ILE D 164 11.19 -16.17 22.46
CA ILE D 164 12.08 -16.79 21.49
C ILE D 164 11.30 -17.77 20.61
N ILE D 165 11.38 -17.52 19.30
CA ILE D 165 10.65 -18.24 18.26
C ILE D 165 10.66 -19.72 18.53
N ASN D 166 9.49 -20.31 18.59
CA ASN D 166 9.44 -21.72 18.81
C ASN D 166 9.89 -22.47 17.56
N TYR D 167 11.05 -23.13 17.65
CA TYR D 167 11.69 -23.76 16.48
C TYR D 167 11.10 -25.14 16.17
N PRO D 168 10.91 -25.42 14.87
CA PRO D 168 11.40 -24.55 13.83
C PRO D 168 10.37 -23.68 13.12
N GLU D 169 9.49 -23.01 13.86
CA GLU D 169 8.58 -22.07 13.19
C GLU D 169 9.36 -20.86 12.75
N VAL D 170 8.63 -19.89 12.22
CA VAL D 170 9.27 -18.68 11.77
C VAL D 170 8.93 -17.45 12.63
N ALA D 171 7.87 -17.57 13.44
CA ALA D 171 7.44 -16.47 14.32
C ALA D 171 6.75 -16.94 15.62
N ILE D 172 6.64 -16.01 16.58
CA ILE D 172 5.95 -16.25 17.84
C ILE D 172 5.33 -14.92 18.30
N LEU D 173 4.42 -14.96 19.26
CA LEU D 173 3.72 -13.75 19.71
C LEU D 173 3.56 -13.68 21.25
N GLY D 174 3.93 -12.53 21.82
CA GLY D 174 3.95 -12.35 23.28
C GLY D 174 2.72 -11.68 23.86
N VAL D 175 2.09 -12.35 24.83
CA VAL D 175 0.82 -11.88 25.42
C VAL D 175 1.01 -11.42 26.87
N HIS D 176 0.48 -10.24 27.19
CA HIS D 176 0.88 -9.52 28.42
C HIS D 176 -0.20 -8.99 29.32
N ARG D 177 0.22 -8.33 30.40
CA ARG D 177 -0.67 -7.90 31.47
C ARG D 177 -1.51 -6.69 31.08
N ILE D 178 -2.78 -6.74 31.46
CA ILE D 178 -3.78 -5.65 31.24
C ILE D 178 -3.52 -4.37 32.06
N LEU D 179 -2.61 -3.55 31.53
CA LEU D 179 -2.27 -2.23 32.09
C LEU D 179 -3.43 -1.28 31.77
N GLU D 180 -4.07 -0.74 32.80
CA GLU D 180 -5.14 0.20 32.56
C GLU D 180 -4.60 1.62 32.70
N ARG D 181 -4.17 2.20 31.59
CA ARG D 181 -3.74 3.60 31.57
C ARG D 181 -4.92 4.48 31.18
N GLU D 182 -5.32 5.33 32.12
CA GLU D 182 -6.54 6.16 32.05
C GLU D 182 -7.81 5.34 32.29
N GLY D 183 -8.93 5.74 31.67
CA GLY D 183 -10.14 4.94 31.73
C GLY D 183 -9.98 3.75 30.81
N ARG D 184 -9.21 3.94 29.74
CA ARG D 184 -9.07 2.99 28.66
C ARG D 184 -8.23 1.79 29.01
N LYS D 185 -8.64 0.64 28.53
CA LYS D 185 -7.89 -0.56 28.77
C LYS D 185 -6.81 -0.74 27.75
N TYR D 186 -5.60 -0.97 28.24
CA TYR D 186 -4.41 -1.16 27.40
C TYR D 186 -3.57 -2.41 27.77
N MET D 187 -2.50 -2.61 26.98
CA MET D 187 -1.65 -3.82 27.04
C MET D 187 -0.60 -3.74 25.91
N TYR D 188 0.61 -4.26 26.17
CA TYR D 188 1.65 -4.28 25.14
C TYR D 188 1.70 -5.65 24.49
N LEU D 189 1.80 -5.65 23.15
CA LEU D 189 1.98 -6.86 22.34
C LEU D 189 3.35 -6.94 21.73
N SER D 190 3.89 -8.15 21.68
CA SER D 190 5.18 -8.42 21.06
C SER D 190 5.14 -9.53 19.99
N LEU D 191 5.80 -9.24 18.86
CA LEU D 191 6.06 -10.21 17.80
C LEU D 191 7.57 -10.31 17.55
N SER D 192 8.13 -11.50 17.78
CA SER D 192 9.47 -11.82 17.37
C SER D 192 9.40 -12.83 16.26
N CYS D 193 10.40 -12.79 15.40
CA CYS D 193 10.43 -13.64 14.22
C CYS D 193 11.86 -13.76 13.75
N ASP D 194 12.06 -14.51 12.68
CA ASP D 194 13.34 -14.61 12.00
C ASP D 194 13.44 -13.41 11.06
N HIS D 195 14.44 -12.55 11.24
CA HIS D 195 14.54 -11.35 10.38
C HIS D 195 15.33 -11.64 9.12
N ARG D 196 15.59 -12.93 8.87
CA ARG D 196 16.16 -13.35 7.60
C ARG D 196 15.10 -13.28 6.51
N LEU D 197 13.86 -13.64 6.84
CA LEU D 197 12.80 -13.50 5.84
C LEU D 197 11.75 -12.45 6.19
N ILE D 198 11.43 -12.31 7.47
CA ILE D 198 10.46 -11.30 7.92
C ILE D 198 11.14 -9.91 8.04
N ASP D 199 10.84 -9.01 7.10
CA ASP D 199 11.53 -7.70 7.04
C ASP D 199 11.08 -6.76 8.13
N GLY D 200 11.59 -5.53 8.10
CA GLY D 200 11.12 -4.49 9.00
C GLY D 200 9.61 -4.41 8.93
N ALA D 201 9.11 -4.20 7.71
CA ALA D 201 7.71 -3.89 7.47
C ALA D 201 6.79 -5.09 7.61
N VAL D 202 7.02 -6.08 6.74
CA VAL D 202 6.28 -7.34 6.80
C VAL D 202 6.26 -7.89 8.24
N ALA D 203 7.07 -7.30 9.12
CA ALA D 203 7.05 -7.64 10.54
C ALA D 203 5.94 -6.91 11.25
N THR D 204 6.08 -5.59 11.29
CA THR D 204 5.11 -4.72 11.94
C THR D 204 3.79 -4.63 11.21
N ARG D 205 3.81 -4.40 9.89
CA ARG D 205 2.57 -4.25 9.13
C ARG D 205 1.55 -5.34 9.48
N PHE D 206 2.10 -6.47 9.94
CA PHE D 206 1.33 -7.55 10.51
C PHE D 206 0.76 -7.19 11.87
N ILE D 207 1.64 -6.78 12.80
CA ILE D 207 1.21 -6.36 14.14
C ILE D 207 0.36 -5.09 14.06
N VAL D 208 0.45 -4.36 12.95
CA VAL D 208 -0.41 -3.21 12.78
C VAL D 208 -1.76 -3.62 12.20
N ASP D 209 -1.80 -4.76 11.50
CA ASP D 209 -3.07 -5.36 11.11
C ASP D 209 -3.76 -5.91 12.35
N LEU D 210 -3.00 -6.67 13.11
CA LEU D 210 -3.51 -7.36 14.28
C LEU D 210 -4.16 -6.39 15.24
N LYS D 211 -3.45 -5.35 15.61
CA LYS D 211 -4.00 -4.33 16.50
C LYS D 211 -5.30 -3.81 15.89
N LYS D 212 -5.22 -3.41 14.61
CA LYS D 212 -6.39 -2.90 13.94
C LYS D 212 -7.49 -3.96 13.79
N VAL D 213 -7.24 -5.19 14.26
CA VAL D 213 -8.35 -6.15 14.36
C VAL D 213 -8.91 -6.24 15.77
N ILE D 214 -8.04 -6.26 16.77
CA ILE D 214 -8.53 -6.34 18.14
C ILE D 214 -9.13 -5.01 18.58
N GLU D 215 -8.92 -3.98 17.76
CA GLU D 215 -9.42 -2.64 18.05
C GLU D 215 -10.72 -2.33 17.29
N ASP D 216 -11.38 -3.38 16.81
CA ASP D 216 -12.56 -3.25 15.94
C ASP D 216 -13.08 -4.66 15.60
N PRO D 217 -13.43 -5.47 16.63
CA PRO D 217 -13.70 -6.90 16.44
C PRO D 217 -15.13 -7.21 15.98
N ASN D 218 -16.02 -6.23 16.05
CA ASN D 218 -17.34 -6.40 15.49
C ASN D 218 -17.37 -6.06 13.99
N ALA D 219 -16.41 -5.26 13.54
CA ALA D 219 -16.23 -5.07 12.10
C ALA D 219 -14.99 -5.83 11.62
N GLU E 6 0.59 -26.40 1.20
CA GLU E 6 1.73 -25.47 1.51
C GLU E 6 2.40 -24.78 0.28
N GLU E 7 3.75 -24.75 0.19
CA GLU E 7 4.52 -24.10 -0.92
C GLU E 7 6.02 -23.88 -0.61
N ILE E 8 6.89 -24.04 -1.60
CA ILE E 8 8.33 -24.22 -1.40
C ILE E 8 9.19 -23.00 -1.03
N LEU E 9 9.14 -21.96 -1.87
CA LEU E 9 9.97 -20.73 -1.79
C LEU E 9 11.36 -20.76 -1.16
N GLU E 10 12.35 -20.83 -2.04
CA GLU E 10 13.77 -20.72 -1.68
C GLU E 10 14.21 -19.26 -1.62
N MET E 11 15.38 -18.95 -2.20
CA MET E 11 15.85 -17.57 -2.32
C MET E 11 16.52 -17.09 -3.63
N HIS E 12 16.21 -15.83 -3.95
CA HIS E 12 16.64 -15.19 -5.18
C HIS E 12 17.86 -14.30 -4.96
N GLY E 13 17.82 -13.10 -5.54
CA GLY E 13 18.83 -12.05 -5.33
C GLY E 13 18.72 -11.34 -3.98
N LEU E 14 17.80 -10.36 -3.87
CA LEU E 14 17.77 -9.46 -2.70
C LEU E 14 17.69 -10.21 -1.38
N ARG E 15 16.82 -11.21 -1.36
CA ARG E 15 16.57 -12.08 -0.20
C ARG E 15 17.84 -12.73 0.39
N ARG E 16 18.67 -13.34 -0.46
CA ARG E 16 19.94 -13.97 -0.03
C ARG E 16 20.94 -13.00 0.63
N ILE E 17 21.03 -11.74 0.17
CA ILE E 17 21.95 -10.81 0.85
C ILE E 17 21.46 -10.43 2.23
N ILE E 18 20.15 -10.22 2.37
CA ILE E 18 19.53 -9.95 3.70
C ILE E 18 19.51 -11.19 4.59
N PHE E 19 18.93 -12.28 4.09
CA PHE E 19 19.04 -13.57 4.77
C PHE E 19 20.46 -13.71 5.32
N ASP E 20 21.46 -13.47 4.46
CA ASP E 20 22.88 -13.59 4.84
C ASP E 20 23.35 -12.54 5.85
N LYS E 21 23.18 -11.26 5.56
CA LYS E 21 23.63 -10.21 6.48
C LYS E 21 23.10 -10.46 7.87
N MET E 22 21.91 -11.04 7.94
CA MET E 22 21.18 -11.24 9.20
C MET E 22 21.63 -12.46 10.03
N THR E 23 21.98 -13.56 9.37
CA THR E 23 22.60 -14.67 10.09
C THR E 23 23.94 -14.20 10.67
N LYS E 24 24.62 -13.32 9.95
CA LYS E 24 25.98 -12.92 10.33
C LYS E 24 26.02 -11.82 11.35
N ALA E 25 25.14 -10.84 11.21
CA ALA E 25 25.08 -9.78 12.20
C ALA E 25 24.90 -10.37 13.60
N LYS E 26 23.70 -10.90 13.86
CA LYS E 26 23.39 -11.46 15.18
C LYS E 26 23.96 -12.88 15.26
N GLN E 27 25.28 -12.97 15.18
CA GLN E 27 26.01 -14.20 15.48
C GLN E 27 27.42 -13.80 15.85
N ILE E 28 27.84 -12.68 15.27
CA ILE E 28 29.14 -12.08 15.54
C ILE E 28 29.05 -11.08 16.69
N MET E 29 28.13 -10.13 16.55
CA MET E 29 27.95 -9.10 17.55
C MET E 29 26.86 -9.47 18.57
N PRO E 30 27.23 -9.59 19.87
CA PRO E 30 26.23 -9.78 20.95
C PRO E 30 25.37 -8.54 21.14
N HIS E 31 24.05 -8.74 21.18
CA HIS E 31 23.16 -7.61 21.10
C HIS E 31 22.63 -7.18 22.44
N PHE E 32 23.09 -5.99 22.84
CA PHE E 32 22.43 -5.15 23.86
C PHE E 32 21.62 -4.05 23.19
N THR E 33 20.39 -3.87 23.65
CA THR E 33 19.49 -2.82 23.17
C THR E 33 18.72 -2.19 24.31
N VAL E 34 18.37 -0.90 24.14
CA VAL E 34 17.77 -0.04 25.19
C VAL E 34 16.80 1.02 24.61
N MET E 35 15.79 1.41 25.39
CA MET E 35 14.70 2.31 24.95
C MET E 35 14.53 3.61 25.74
N GLU E 36 14.58 4.76 25.06
CA GLU E 36 14.21 6.06 25.67
C GLU E 36 13.02 6.74 24.97
N GLU E 37 12.01 7.08 25.78
CA GLU E 37 10.83 7.83 25.38
C GLU E 37 11.23 9.30 25.23
N VAL E 38 10.76 9.95 24.16
CA VAL E 38 11.14 11.35 23.90
C VAL E 38 9.95 12.30 23.62
N ASP E 39 10.00 13.51 24.19
CA ASP E 39 8.97 14.54 24.02
C ASP E 39 9.11 15.16 22.62
N VAL E 40 8.29 14.66 21.69
CA VAL E 40 8.41 15.03 20.29
C VAL E 40 7.42 16.09 19.89
N THR E 41 6.73 16.67 20.88
CA THR E 41 5.88 17.83 20.61
C THR E 41 6.76 18.87 19.93
N SER E 42 7.99 18.98 20.46
CA SER E 42 9.02 19.92 19.99
C SER E 42 9.33 19.72 18.53
N MET E 43 9.29 18.47 18.12
CA MET E 43 9.35 18.17 16.72
C MET E 43 8.00 18.46 16.04
N VAL E 44 6.91 17.90 16.58
CA VAL E 44 5.65 17.81 15.83
C VAL E 44 5.08 19.15 15.34
N SER E 45 5.20 20.20 16.15
CA SER E 45 4.71 21.52 15.75
C SER E 45 5.66 22.19 14.75
N ILE E 46 6.94 21.85 14.87
CA ILE E 46 7.97 22.35 13.95
C ILE E 46 7.76 21.77 12.55
N LEU E 47 7.19 20.56 12.51
CA LEU E 47 6.95 19.84 11.25
C LEU E 47 5.73 20.32 10.48
N ASP E 48 4.61 20.49 11.17
CA ASP E 48 3.37 20.97 10.55
C ASP E 48 3.48 22.43 10.10
N SER E 49 4.34 23.19 10.78
CA SER E 49 4.70 24.53 10.32
C SER E 49 5.71 24.51 9.14
N ALA E 50 6.53 23.45 9.07
CA ALA E 50 7.46 23.21 7.94
C ALA E 50 6.75 22.70 6.69
N LYS E 51 5.59 22.06 6.91
CA LYS E 51 4.70 21.62 5.84
C LYS E 51 3.94 22.81 5.28
N ALA E 52 3.83 23.84 6.11
CA ALA E 52 3.18 25.09 5.73
C ALA E 52 3.99 25.94 4.74
N ARG E 53 5.28 25.65 4.57
CA ARG E 53 6.11 26.45 3.68
C ARG E 53 7.11 25.64 2.87
N ASN E 54 7.79 24.71 3.52
CA ASN E 54 8.88 23.94 2.90
C ASN E 54 8.50 22.68 2.13
N ARG E 55 7.20 22.37 2.05
CA ARG E 55 6.75 21.06 1.53
C ARG E 55 7.26 19.86 2.38
N LYS E 56 8.53 19.89 2.78
CA LYS E 56 9.13 18.88 3.68
C LYS E 56 8.98 19.30 5.17
N VAL E 57 9.57 18.61 6.15
CA VAL E 57 10.53 17.52 6.03
C VAL E 57 9.98 16.23 6.63
N THR E 58 10.83 15.20 6.67
CA THR E 58 10.44 13.85 7.12
C THR E 58 10.82 13.58 8.58
N VAL E 59 9.89 12.98 9.33
CA VAL E 59 10.13 12.59 10.72
C VAL E 59 11.54 12.02 10.89
N THR E 60 11.96 11.23 9.91
CA THR E 60 13.30 10.68 9.83
C THR E 60 14.35 11.75 9.60
N GLY E 61 14.22 12.48 8.48
CA GLY E 61 15.23 13.44 8.00
C GLY E 61 15.73 14.46 9.02
N PHE E 62 14.87 14.79 9.97
CA PHE E 62 15.22 15.64 11.10
C PHE E 62 16.14 14.89 12.07
N LEU E 63 15.65 13.75 12.59
CA LEU E 63 16.42 12.86 13.47
C LEU E 63 17.82 12.62 12.90
N ALA E 64 17.89 12.48 11.57
CA ALA E 64 19.14 12.34 10.85
C ALA E 64 20.12 13.52 11.00
N ARG E 65 19.62 14.77 10.99
CA ARG E 65 20.48 15.98 11.11
C ARG E 65 21.23 16.09 12.44
N ILE E 66 20.55 15.69 13.51
CA ILE E 66 21.09 15.78 14.87
C ILE E 66 21.98 14.56 15.19
N VAL E 67 21.63 13.41 14.63
CA VAL E 67 22.38 12.15 14.79
C VAL E 67 23.94 12.25 14.73
N PRO E 68 24.52 12.85 13.65
CA PRO E 68 25.99 12.81 13.47
C PRO E 68 26.72 13.58 14.57
N SER E 69 26.14 14.70 14.97
CA SER E 69 26.66 15.54 16.03
C SER E 69 26.85 14.73 17.30
N ILE E 70 25.84 13.95 17.66
CA ILE E 70 25.84 13.12 18.86
C ILE E 70 26.88 11.98 18.76
N LEU E 71 27.13 11.55 17.53
CA LEU E 71 28.16 10.55 17.24
C LEU E 71 29.53 11.20 17.25
N LYS E 72 29.54 12.50 16.95
CA LYS E 72 30.75 13.28 17.02
C LYS E 72 31.19 13.35 18.48
N GLN E 73 30.25 13.12 19.38
CA GLN E 73 30.50 13.19 20.81
C GLN E 73 30.88 11.83 21.42
N TYR E 74 30.25 10.75 20.94
CA TYR E 74 30.65 9.38 21.29
C TYR E 74 31.04 8.66 20.01
N PRO E 75 32.35 8.54 19.70
CA PRO E 75 32.75 8.05 18.37
C PRO E 75 32.47 6.54 18.20
N TYR E 76 32.48 5.85 19.33
CA TYR E 76 32.34 4.40 19.44
C TYR E 76 31.15 3.81 18.71
N LEU E 77 30.06 4.55 18.64
CA LEU E 77 28.86 4.03 18.03
C LEU E 77 28.84 4.26 16.52
N ASN E 78 29.70 5.17 16.05
CA ASN E 78 29.88 5.32 14.63
C ASN E 78 31.05 4.47 14.15
N ALA E 79 31.02 3.19 14.49
CA ALA E 79 32.11 2.26 14.18
C ALA E 79 31.67 1.06 13.37
N ILE E 80 32.65 0.27 12.92
CA ILE E 80 32.43 -0.74 11.89
C ILE E 80 33.41 -1.93 12.11
N TYR E 81 32.86 -3.08 12.53
CA TYR E 81 33.65 -4.28 12.94
C TYR E 81 34.24 -5.01 11.72
N ASP E 82 35.05 -6.07 11.96
CA ASP E 82 36.12 -6.51 11.04
C ASP E 82 36.36 -8.00 10.75
N GLU E 83 37.31 -8.24 9.83
CA GLU E 83 37.66 -9.55 9.29
C GLU E 83 38.22 -10.47 10.34
N THR E 84 39.56 -10.57 10.39
CA THR E 84 40.30 -11.03 11.57
C THR E 84 39.75 -10.25 12.76
N ARG E 85 39.54 -10.93 13.88
CA ARG E 85 38.90 -10.34 15.07
C ARG E 85 39.68 -9.10 15.48
N ARG E 86 40.98 -9.33 15.66
CA ARG E 86 41.93 -8.33 16.06
C ARG E 86 41.88 -7.14 15.10
N VAL E 87 41.07 -6.13 15.46
CA VAL E 87 40.85 -4.86 14.73
C VAL E 87 39.54 -4.23 15.26
N TYR E 88 39.27 -2.96 14.93
CA TYR E 88 37.91 -2.34 15.16
C TYR E 88 37.41 -1.14 14.33
N ILE E 89 38.27 -0.13 14.12
CA ILE E 89 37.98 1.07 13.27
C ILE E 89 36.69 1.90 13.46
N LEU E 90 36.87 3.09 14.03
CA LEU E 90 35.83 4.12 14.14
C LEU E 90 36.03 5.12 13.03
N LYS E 91 34.94 5.49 12.35
CA LYS E 91 35.02 6.49 11.29
C LYS E 91 34.83 7.91 11.81
N LYS E 92 35.51 8.84 11.14
CA LYS E 92 35.54 10.24 11.56
C LYS E 92 34.69 11.18 10.68
N TYR E 93 34.23 10.69 9.54
CA TYR E 93 33.13 11.33 8.83
C TYR E 93 31.85 10.69 9.35
N TYR E 94 30.68 11.10 8.85
CA TYR E 94 29.41 10.49 9.31
C TYR E 94 28.40 10.28 8.16
N ASN E 95 28.28 9.04 7.67
CA ASN E 95 27.42 8.68 6.52
C ASN E 95 26.27 7.73 6.94
N ILE E 96 25.06 8.26 7.04
CA ILE E 96 23.95 7.60 7.76
C ILE E 96 22.99 6.75 6.92
N GLY E 97 22.93 5.48 7.29
CA GLY E 97 22.17 4.48 6.56
C GLY E 97 20.72 4.46 6.92
N ILE E 98 19.87 4.69 5.93
CA ILE E 98 18.47 4.85 6.20
C ILE E 98 17.67 3.76 5.48
N ALA E 99 17.07 2.86 6.27
CA ALA E 99 16.50 1.64 5.71
C ALA E 99 15.03 1.70 5.33
N VAL E 100 14.78 1.40 4.07
CA VAL E 100 13.48 1.57 3.44
C VAL E 100 12.87 0.20 3.08
N ASP E 101 11.61 0.20 2.65
CA ASP E 101 10.98 -1.02 2.16
C ASP E 101 10.69 -0.94 0.66
N THR E 102 11.27 -1.86 -0.10
CA THR E 102 11.04 -1.99 -1.55
C THR E 102 10.06 -3.14 -1.79
N PRO E 103 9.75 -3.45 -3.06
CA PRO E 103 8.93 -4.61 -3.34
C PRO E 103 9.66 -5.98 -3.27
N ASP E 104 10.97 -5.97 -3.11
CA ASP E 104 11.72 -7.24 -3.04
C ASP E 104 12.31 -7.50 -1.67
N GLY E 105 12.34 -6.46 -0.85
CA GLY E 105 12.84 -6.54 0.51
C GLY E 105 13.33 -5.22 1.07
N LEU E 106 13.91 -5.27 2.26
CA LEU E 106 14.52 -4.11 2.88
C LEU E 106 15.81 -3.79 2.14
N ASN E 107 15.91 -2.54 1.69
CA ASN E 107 17.18 -2.00 1.24
C ASN E 107 17.62 -0.83 2.13
N VAL E 108 18.87 -0.41 1.97
CA VAL E 108 19.47 0.60 2.83
C VAL E 108 20.39 1.54 2.04
N PHE E 109 19.90 2.72 1.73
CA PHE E 109 20.71 3.69 1.06
C PHE E 109 21.28 4.69 2.03
N VAL E 110 22.44 5.23 1.67
CA VAL E 110 23.26 6.04 2.57
C VAL E 110 23.23 7.54 2.21
N ILE E 111 23.08 8.37 3.25
CA ILE E 111 23.19 9.83 3.14
C ILE E 111 24.64 10.22 3.38
N LYS E 112 25.35 10.45 2.28
CA LYS E 112 26.77 10.75 2.34
C LYS E 112 27.01 12.06 3.08
N ASP E 113 27.90 12.03 4.08
CA ASP E 113 28.22 13.20 4.92
C ASP E 113 26.99 14.01 5.43
N ALA E 114 26.21 13.42 6.33
CA ALA E 114 24.95 14.03 6.79
C ALA E 114 25.19 15.21 7.73
N ASP E 115 26.33 15.18 8.41
CA ASP E 115 26.76 16.23 9.33
C ASP E 115 26.84 17.60 8.69
N ARG E 116 27.03 17.61 7.37
CA ARG E 116 27.25 18.86 6.63
C ARG E 116 25.92 19.48 6.23
N LYS E 117 25.00 18.62 5.82
CA LYS E 117 23.73 19.03 5.19
C LYS E 117 22.70 19.60 6.17
N SER E 118 21.63 20.19 5.61
CA SER E 118 20.53 20.81 6.37
C SER E 118 19.23 19.99 6.29
N MET E 119 18.33 20.22 7.25
CA MET E 119 17.11 19.42 7.46
C MET E 119 16.23 19.24 6.24
N VAL E 120 16.08 20.30 5.43
CA VAL E 120 15.30 20.25 4.17
C VAL E 120 16.00 19.42 3.08
N GLU E 121 17.30 19.63 2.91
CA GLU E 121 18.10 18.92 1.92
C GLU E 121 18.19 17.44 2.26
N ILE E 122 18.50 17.16 3.52
CA ILE E 122 18.54 15.80 4.06
C ILE E 122 17.28 14.98 3.71
N SER E 123 16.12 15.55 3.98
CA SER E 123 14.85 14.87 3.72
C SER E 123 14.47 14.88 2.24
N ALA E 124 14.99 15.88 1.52
CA ALA E 124 14.83 15.99 0.07
C ALA E 124 15.64 14.92 -0.65
N GLU E 125 16.68 14.44 0.02
CA GLU E 125 17.42 13.27 -0.43
C GLU E 125 16.66 11.98 -0.08
N ILE E 126 16.44 11.73 1.22
CA ILE E 126 15.85 10.46 1.67
C ILE E 126 14.70 10.01 0.80
N SER E 127 13.81 10.93 0.45
CA SER E 127 12.63 10.54 -0.27
C SER E 127 12.95 10.34 -1.76
N ASP E 128 13.79 11.22 -2.32
CA ASP E 128 14.24 11.10 -3.71
C ASP E 128 14.83 9.71 -3.91
N LYS E 129 15.67 9.33 -2.95
CA LYS E 129 16.36 8.04 -2.96
C LYS E 129 15.40 6.87 -2.70
N ALA E 130 14.44 7.06 -1.82
CA ALA E 130 13.43 6.03 -1.59
C ALA E 130 12.35 6.01 -2.69
N SER E 131 12.35 7.01 -3.58
CA SER E 131 11.39 7.02 -4.69
C SER E 131 11.88 6.05 -5.73
N ARG E 132 13.19 6.06 -5.93
CA ARG E 132 13.84 5.04 -6.73
C ARG E 132 13.75 3.70 -6.02
N ALA E 133 14.22 3.66 -4.77
CA ALA E 133 14.44 2.43 -4.02
C ALA E 133 13.34 1.40 -4.13
N ARG E 134 12.11 1.86 -4.30
CA ARG E 134 10.98 0.98 -4.55
C ARG E 134 10.92 0.66 -6.06
N GLU E 135 11.03 1.70 -6.88
CA GLU E 135 11.06 1.53 -8.35
C GLU E 135 12.30 0.71 -8.78
N ASN E 136 13.08 0.28 -7.78
CA ASN E 136 14.33 -0.47 -7.91
C ASN E 136 15.32 0.07 -8.93
N LYS E 137 15.47 1.38 -8.90
CA LYS E 137 16.42 2.12 -9.73
C LYS E 137 17.38 2.85 -8.78
N LEU E 138 17.98 2.07 -7.90
CA LEU E 138 18.88 2.60 -6.92
C LEU E 138 20.29 2.19 -7.28
N GLN E 139 21.22 3.14 -7.13
CA GLN E 139 22.63 2.98 -7.49
C GLN E 139 23.46 2.25 -6.46
N LEU E 140 24.54 1.61 -6.92
CA LEU E 140 25.54 1.02 -6.03
C LEU E 140 26.20 2.14 -5.21
N ASP E 141 26.42 3.27 -5.89
CA ASP E 141 26.93 4.49 -5.28
C ASP E 141 26.16 4.87 -4.01
N GLU E 142 24.88 4.50 -3.97
CA GLU E 142 23.97 4.97 -2.94
C GLU E 142 23.76 3.98 -1.81
N VAL E 143 24.12 2.72 -2.01
CA VAL E 143 23.94 1.71 -0.96
C VAL E 143 25.32 1.40 -0.32
N GLN E 144 26.24 2.37 -0.40
CA GLN E 144 27.66 2.12 -0.03
C GLN E 144 27.98 2.14 1.50
N ASP E 145 28.99 2.90 1.94
CA ASP E 145 29.51 2.79 3.32
C ASP E 145 28.68 3.51 4.39
N SER E 146 27.51 2.95 4.69
CA SER E 146 26.71 3.38 5.83
C SER E 146 27.54 3.24 7.12
N THR E 147 27.84 4.36 7.75
CA THR E 147 28.67 4.33 8.93
C THR E 147 27.81 4.01 10.16
N PHE E 148 26.49 4.21 10.03
CA PHE E 148 25.47 4.10 11.10
C PHE E 148 24.07 4.17 10.47
N THR E 149 23.08 3.54 11.10
CA THR E 149 21.77 3.29 10.45
C THR E 149 20.48 3.70 11.22
N ILE E 150 19.39 3.94 10.48
CA ILE E 150 18.05 4.30 11.03
C ILE E 150 16.81 3.59 10.43
N THR E 151 16.18 2.77 11.26
CA THR E 151 14.96 2.01 10.94
C THR E 151 13.71 2.67 11.52
N ASN E 152 12.81 3.12 10.64
CA ASN E 152 11.52 3.73 11.05
C ASN E 152 10.30 2.85 10.84
N VAL E 153 10.12 1.93 11.78
CA VAL E 153 8.97 1.04 11.83
C VAL E 153 7.68 1.87 11.94
N GLY E 154 7.84 3.15 12.26
CA GLY E 154 6.73 4.01 12.67
C GLY E 154 5.84 4.55 11.58
N THR E 155 6.37 4.60 10.35
CA THR E 155 5.58 4.92 9.16
C THR E 155 4.56 3.81 8.95
N ILE E 156 4.73 2.71 9.67
CA ILE E 156 3.76 1.63 9.70
C ILE E 156 3.09 1.65 11.07
N GLY E 157 3.89 1.54 12.13
CA GLY E 157 3.38 1.52 13.50
C GLY E 157 4.29 0.78 14.44
N GLY E 158 3.83 0.53 15.66
CA GLY E 158 4.64 -0.11 16.70
C GLY E 158 5.42 0.90 17.54
N ILE E 159 5.36 0.76 18.86
CA ILE E 159 6.00 1.74 19.74
C ILE E 159 7.51 1.54 20.01
N MET E 160 7.98 0.29 20.01
CA MET E 160 9.42 -0.06 20.21
C MET E 160 9.84 -1.47 19.72
N SER E 161 11.12 -1.68 19.42
CA SER E 161 11.64 -3.00 18.95
C SER E 161 13.08 -3.44 19.41
N THR E 162 13.43 -4.71 19.17
CA THR E 162 14.84 -5.17 19.28
C THR E 162 15.54 -5.23 17.87
N PRO E 163 15.60 -4.08 17.16
CA PRO E 163 15.94 -4.18 15.77
C PRO E 163 17.42 -4.51 15.60
N ILE E 164 17.75 -5.36 14.64
CA ILE E 164 19.14 -5.79 14.40
C ILE E 164 19.94 -4.79 13.56
N ILE E 165 21.10 -4.41 14.11
CA ILE E 165 21.98 -3.47 13.45
C ILE E 165 22.32 -3.99 12.07
N ASN E 166 22.46 -3.08 11.12
CA ASN E 166 22.92 -3.47 9.84
C ASN E 166 24.39 -3.79 9.99
N TYR E 167 24.77 -5.00 9.60
CA TYR E 167 26.17 -5.43 9.60
C TYR E 167 26.84 -4.86 8.37
N PRO E 168 28.10 -4.44 8.49
CA PRO E 168 28.93 -4.61 9.67
C PRO E 168 29.03 -3.37 10.56
N GLU E 169 28.12 -2.40 10.42
CA GLU E 169 28.10 -1.21 11.28
C GLU E 169 27.83 -1.59 12.73
N VAL E 170 28.31 -0.77 13.67
CA VAL E 170 28.29 -1.16 15.09
C VAL E 170 27.03 -0.73 15.86
N ALA E 171 26.24 0.13 15.23
CA ALA E 171 25.04 0.61 15.90
C ALA E 171 23.89 0.94 14.94
N ILE E 172 22.68 0.91 15.48
CA ILE E 172 21.46 1.33 14.78
C ILE E 172 20.55 2.11 15.76
N LEU E 173 19.43 2.63 15.27
CA LEU E 173 18.54 3.48 16.07
C LEU E 173 17.09 3.28 15.65
N GLY E 174 16.28 2.74 16.56
CA GLY E 174 14.91 2.39 16.23
C GLY E 174 13.97 3.56 16.33
N VAL E 175 13.40 3.97 15.20
CA VAL E 175 12.37 5.03 15.19
C VAL E 175 10.99 4.36 15.15
N HIS E 176 10.00 4.90 15.87
CA HIS E 176 8.68 4.26 15.97
C HIS E 176 7.50 5.20 15.85
N ARG E 177 6.30 4.73 16.16
CA ARG E 177 5.08 5.54 15.97
C ARG E 177 4.73 6.46 17.14
N ILE E 178 3.93 7.48 16.84
CA ILE E 178 3.68 8.64 17.72
C ILE E 178 2.46 8.48 18.67
N LEU E 179 2.74 8.36 19.98
CA LEU E 179 1.69 8.18 20.99
C LEU E 179 1.48 9.43 21.85
N GLU E 180 0.22 9.86 21.95
CA GLU E 180 -0.16 10.96 22.85
C GLU E 180 -0.48 10.40 24.23
N ARG E 181 0.07 11.03 25.27
CA ARG E 181 -0.09 10.55 26.64
C ARG E 181 -1.08 11.37 27.44
N GLU E 182 -0.63 12.52 27.93
CA GLU E 182 -1.44 13.28 28.87
C GLU E 182 -2.62 14.08 28.27
N GLY E 183 -2.66 14.34 26.95
CA GLY E 183 -1.67 13.90 25.99
C GLY E 183 -0.74 14.95 25.48
N ARG E 184 0.55 14.82 25.84
CA ARG E 184 1.61 15.49 25.11
C ARG E 184 1.88 14.59 23.92
N LYS E 185 2.98 14.84 23.23
CA LYS E 185 3.37 14.01 22.10
C LYS E 185 4.77 13.41 22.32
N TYR E 186 4.78 12.12 22.69
CA TYR E 186 5.99 11.30 22.82
C TYR E 186 5.96 10.08 21.86
N MET E 187 7.07 9.33 21.86
CA MET E 187 7.20 8.03 21.18
C MET E 187 8.40 7.34 21.80
N TYR E 188 8.53 6.03 21.59
CA TYR E 188 9.74 5.39 22.07
C TYR E 188 10.80 5.31 20.96
N LEU E 189 12.09 5.28 21.34
CA LEU E 189 13.21 5.09 20.42
C LEU E 189 14.10 4.01 20.97
N SER E 190 14.45 3.04 20.13
CA SER E 190 15.32 1.94 20.54
C SER E 190 16.71 2.05 19.91
N LEU E 191 17.70 1.66 20.70
CA LEU E 191 19.08 1.70 20.24
C LEU E 191 19.79 0.40 20.55
N SER E 192 19.88 -0.45 19.52
CA SER E 192 20.66 -1.69 19.53
C SER E 192 22.10 -1.40 19.14
N CYS E 193 23.03 -2.13 19.75
CA CYS E 193 24.44 -2.01 19.43
C CYS E 193 25.21 -3.29 19.74
N ASP E 194 26.50 -3.26 19.45
CA ASP E 194 27.41 -4.31 19.84
C ASP E 194 27.79 -4.11 21.31
N HIS E 195 27.65 -5.14 22.14
CA HIS E 195 27.95 -4.97 23.55
C HIS E 195 29.36 -5.36 23.92
N ARG E 196 30.25 -5.56 22.94
CA ARG E 196 31.65 -5.72 23.31
C ARG E 196 32.26 -4.34 23.43
N LEU E 197 31.91 -3.46 22.51
CA LEU E 197 32.47 -2.12 22.47
C LEU E 197 31.59 -1.10 23.10
N ILE E 198 30.30 -1.37 23.07
CA ILE E 198 29.32 -0.41 23.53
C ILE E 198 28.67 -0.89 24.84
N ASP E 199 29.34 -0.56 25.96
CA ASP E 199 28.90 -0.87 27.32
C ASP E 199 27.43 -0.53 27.56
N GLY E 200 26.78 -1.32 28.40
CA GLY E 200 25.39 -1.07 28.79
C GLY E 200 25.19 0.39 29.16
N ALA E 201 26.11 0.91 29.96
CA ALA E 201 26.09 2.31 30.35
C ALA E 201 26.14 3.33 29.18
N VAL E 202 27.11 3.20 28.27
CA VAL E 202 27.34 4.21 27.21
C VAL E 202 26.22 4.34 26.16
N ALA E 203 25.45 3.28 25.97
CA ALA E 203 24.34 3.28 25.01
C ALA E 203 23.31 4.31 25.42
N THR E 204 22.84 4.20 26.67
CA THR E 204 21.79 5.05 27.23
C THR E 204 22.16 6.55 27.24
N ARG E 205 23.33 6.83 27.77
CA ARG E 205 23.98 8.14 27.69
C ARG E 205 23.86 8.77 26.32
N PHE E 206 23.76 7.95 25.28
CA PHE E 206 23.67 8.47 23.94
C PHE E 206 22.23 8.82 23.52
N ILE E 207 21.26 7.98 23.85
CA ILE E 207 19.86 8.27 23.51
C ILE E 207 19.25 9.35 24.38
N VAL E 208 19.75 9.52 25.60
CA VAL E 208 19.31 10.63 26.46
C VAL E 208 19.90 11.93 25.90
N ASP E 209 21.12 11.82 25.35
CA ASP E 209 21.78 12.90 24.63
C ASP E 209 21.07 13.23 23.32
N LEU E 210 20.60 12.19 22.62
CA LEU E 210 19.71 12.44 21.49
C LEU E 210 18.35 12.99 21.98
N LYS E 211 17.79 12.37 23.03
CA LYS E 211 16.51 12.79 23.63
C LYS E 211 16.46 14.31 23.72
N LYS E 212 17.58 14.87 24.15
CA LYS E 212 17.69 16.29 24.46
C LYS E 212 17.65 17.24 23.24
N VAL E 213 18.25 16.85 22.12
CA VAL E 213 18.24 17.72 20.93
C VAL E 213 16.89 17.63 20.17
N ILE E 214 16.16 16.54 20.39
CA ILE E 214 14.81 16.39 19.86
C ILE E 214 13.87 17.28 20.63
N GLU E 215 14.17 17.40 21.91
CA GLU E 215 13.39 18.18 22.85
C GLU E 215 13.92 19.61 23.01
N ASP E 216 14.82 20.03 22.12
CA ASP E 216 15.29 21.42 22.05
C ASP E 216 15.20 21.94 20.60
N PRO E 217 14.07 22.64 20.24
CA PRO E 217 13.75 23.03 18.85
C PRO E 217 14.50 24.26 18.33
N ASN E 218 15.23 24.94 19.22
CA ASN E 218 16.01 26.14 18.85
C ASN E 218 17.56 25.92 18.84
N ALA E 219 17.98 24.65 18.94
CA ALA E 219 19.40 24.24 18.93
C ALA E 219 20.10 24.47 17.59
N ARG F 5 38.08 9.35 5.54
CA ARG F 5 39.13 9.86 6.48
C ARG F 5 38.89 9.31 7.91
N GLU F 6 39.69 8.33 8.34
CA GLU F 6 39.38 7.49 9.54
C GLU F 6 40.59 6.95 10.36
N GLU F 7 40.32 6.54 11.62
CA GLU F 7 41.35 6.04 12.58
C GLU F 7 40.89 4.84 13.45
N ILE F 8 41.74 3.83 13.56
CA ILE F 8 41.39 2.47 14.04
C ILE F 8 41.39 2.28 15.58
N LEU F 9 40.68 1.24 16.06
CA LEU F 9 40.63 0.83 17.48
C LEU F 9 41.03 -0.59 17.78
N GLU F 10 42.17 -0.77 18.45
CA GLU F 10 42.60 -2.12 18.81
C GLU F 10 41.91 -2.53 20.10
N MET F 11 42.50 -3.50 20.81
CA MET F 11 41.92 -3.97 22.06
C MET F 11 42.88 -4.03 23.27
N HIS F 12 42.34 -3.58 24.39
CA HIS F 12 43.09 -3.34 25.61
C HIS F 12 42.94 -4.50 26.56
N GLY F 13 43.19 -4.28 27.84
CA GLY F 13 43.01 -5.28 28.88
C GLY F 13 41.55 -5.62 29.18
N LEU F 14 40.87 -4.78 29.97
CA LEU F 14 39.44 -5.01 30.32
C LEU F 14 38.57 -4.99 29.08
N ARG F 15 38.78 -4.01 28.20
CA ARG F 15 38.11 -3.92 26.90
C ARG F 15 38.00 -5.27 26.24
N ARG F 16 39.09 -6.02 26.26
CA ARG F 16 39.09 -7.35 25.72
C ARG F 16 38.43 -8.33 26.67
N ILE F 17 38.59 -8.14 27.98
CA ILE F 17 37.91 -9.00 28.97
C ILE F 17 36.41 -8.91 28.78
N ILE F 18 35.93 -7.73 28.42
CA ILE F 18 34.52 -7.49 28.17
C ILE F 18 34.07 -8.09 26.83
N PHE F 19 34.80 -7.79 25.75
CA PHE F 19 34.61 -8.41 24.43
C PHE F 19 34.44 -9.93 24.53
N ASP F 20 35.35 -10.58 25.23
CA ASP F 20 35.35 -12.02 25.41
C ASP F 20 34.11 -12.50 26.13
N LYS F 21 33.85 -11.94 27.31
CA LYS F 21 32.68 -12.30 28.12
C LYS F 21 31.36 -12.14 27.35
N MET F 22 31.23 -11.03 26.62
CA MET F 22 30.00 -10.75 25.87
C MET F 22 29.90 -11.60 24.62
N THR F 23 31.03 -11.86 23.96
CA THR F 23 31.12 -12.87 22.91
C THR F 23 30.50 -14.15 23.46
N LYS F 24 31.03 -14.66 24.56
CA LYS F 24 30.57 -15.94 25.08
C LYS F 24 29.24 -15.86 25.77
N ALA F 25 28.82 -14.64 26.13
CA ALA F 25 27.59 -14.47 26.90
C ALA F 25 26.38 -15.00 26.13
N LYS F 26 26.02 -14.32 25.05
CA LYS F 26 24.88 -14.79 24.25
C LYS F 26 25.34 -15.63 23.03
N GLN F 27 26.55 -16.16 23.15
CA GLN F 27 26.96 -17.26 22.31
C GLN F 27 26.28 -18.53 22.78
N ILE F 28 25.99 -18.63 24.08
CA ILE F 28 25.36 -19.85 24.61
C ILE F 28 24.09 -19.71 25.48
N MET F 29 23.78 -18.48 25.90
CA MET F 29 22.54 -18.19 26.62
C MET F 29 21.44 -17.71 25.65
N PRO F 30 20.48 -18.58 25.25
CA PRO F 30 19.43 -18.06 24.36
C PRO F 30 18.57 -17.02 25.08
N HIS F 31 18.79 -15.74 24.75
CA HIS F 31 18.29 -14.58 25.53
C HIS F 31 16.80 -14.19 25.49
N PHE F 32 16.13 -14.45 26.62
CA PHE F 32 14.74 -14.05 26.88
C PHE F 32 14.67 -12.88 27.87
N THR F 33 13.82 -11.90 27.56
CA THR F 33 13.59 -10.71 28.41
C THR F 33 12.10 -10.56 28.71
N VAL F 34 11.80 -9.90 29.82
CA VAL F 34 10.43 -9.60 30.25
C VAL F 34 10.48 -8.29 31.01
N MET F 35 9.41 -7.51 30.95
CA MET F 35 9.33 -6.32 31.78
C MET F 35 7.99 -6.14 32.50
N GLU F 36 8.09 -5.62 33.71
CA GLU F 36 6.93 -5.10 34.37
C GLU F 36 7.14 -3.62 34.58
N GLU F 37 6.08 -2.92 34.95
CA GLU F 37 6.23 -1.58 35.50
C GLU F 37 5.88 -1.66 36.98
N VAL F 38 6.74 -1.05 37.77
CA VAL F 38 6.60 -1.05 39.23
C VAL F 38 6.00 0.27 39.77
N ASP F 39 5.11 0.18 40.76
CA ASP F 39 4.67 1.36 41.53
C ASP F 39 5.75 1.76 42.52
N VAL F 40 6.82 2.31 41.96
CA VAL F 40 8.02 2.70 42.71
C VAL F 40 7.75 3.88 43.66
N THR F 41 6.64 4.59 43.45
CA THR F 41 6.26 5.68 44.35
C THR F 41 6.31 5.21 45.83
N SER F 42 5.95 3.94 46.02
CA SER F 42 6.01 3.27 47.32
C SER F 42 7.43 3.18 47.88
N MET F 43 8.40 3.14 46.96
CA MET F 43 9.79 3.26 47.33
C MET F 43 10.25 4.73 47.41
N VAL F 44 10.12 5.50 46.34
CA VAL F 44 10.75 6.85 46.28
C VAL F 44 10.60 7.68 47.55
N SER F 45 9.43 7.61 48.18
CA SER F 45 9.20 8.27 49.48
C SER F 45 9.92 7.57 50.64
N ILE F 46 10.13 6.25 50.51
CA ILE F 46 10.98 5.48 51.43
C ILE F 46 12.44 5.91 51.29
N LEU F 47 12.79 6.36 50.07
CA LEU F 47 14.14 6.87 49.76
C LEU F 47 14.38 8.24 50.41
N ASP F 48 13.40 9.11 50.27
CA ASP F 48 13.52 10.49 50.74
C ASP F 48 13.43 10.63 52.27
N SER F 49 12.84 9.63 52.93
CA SER F 49 12.73 9.58 54.41
C SER F 49 14.06 9.20 55.05
N ALA F 50 14.72 8.22 54.45
CA ALA F 50 16.11 7.91 54.77
C ALA F 50 17.13 8.89 54.13
N LYS F 51 16.70 9.82 53.29
CA LYS F 51 17.64 10.89 52.85
C LYS F 51 17.62 12.10 53.80
N ALA F 52 16.57 12.19 54.61
CA ALA F 52 16.45 13.24 55.61
C ALA F 52 17.31 12.93 56.84
N ARG F 53 17.26 11.68 57.31
CA ARG F 53 17.94 11.26 58.55
C ARG F 53 19.12 10.27 58.38
N ASN F 54 18.97 9.33 57.46
CA ASN F 54 19.95 8.24 57.31
C ASN F 54 20.38 7.91 55.86
N ARG F 55 21.15 8.84 55.28
CA ARG F 55 21.58 8.80 53.87
C ARG F 55 22.50 7.61 53.54
N LYS F 56 22.38 7.09 52.33
CA LYS F 56 21.38 7.58 51.39
C LYS F 56 20.40 6.46 51.12
N VAL F 57 20.95 5.30 50.76
CA VAL F 57 20.23 4.15 50.21
C VAL F 57 19.75 4.45 48.77
N THR F 58 20.56 4.04 47.78
CA THR F 58 20.35 4.33 46.35
C THR F 58 19.23 3.48 45.77
N VAL F 59 18.74 3.89 44.58
CA VAL F 59 17.84 3.08 43.75
C VAL F 59 18.43 1.67 43.62
N THR F 60 19.74 1.65 43.36
CA THR F 60 20.60 0.48 43.42
C THR F 60 20.47 -0.27 44.77
N GLY F 61 20.73 0.43 45.87
CA GLY F 61 20.78 -0.19 47.19
C GLY F 61 19.53 -0.88 47.68
N PHE F 62 18.40 -0.16 47.68
CA PHE F 62 17.12 -0.67 48.21
C PHE F 62 16.71 -1.94 47.48
N LEU F 63 16.74 -1.85 46.15
CA LEU F 63 16.44 -2.98 45.26
C LEU F 63 17.40 -4.15 45.54
N ALA F 64 18.65 -3.79 45.81
CA ALA F 64 19.70 -4.74 46.17
C ALA F 64 19.36 -5.52 47.45
N ARG F 65 18.72 -4.85 48.41
CA ARG F 65 18.29 -5.54 49.61
C ARG F 65 17.19 -6.56 49.32
N ILE F 66 16.35 -6.30 48.31
CA ILE F 66 15.14 -7.12 48.05
C ILE F 66 15.38 -8.40 47.24
N VAL F 67 16.33 -8.35 46.32
CA VAL F 67 16.58 -9.48 45.43
C VAL F 67 16.75 -10.89 46.06
N PRO F 68 17.65 -11.05 47.06
CA PRO F 68 18.09 -12.41 47.45
C PRO F 68 17.02 -13.32 48.03
N SER F 69 15.94 -12.72 48.52
CA SER F 69 14.83 -13.48 49.05
C SER F 69 13.94 -13.95 47.91
N ILE F 70 13.99 -13.23 46.80
CA ILE F 70 13.16 -13.51 45.64
C ILE F 70 13.81 -14.57 44.71
N LEU F 71 15.14 -14.59 44.69
CA LEU F 71 15.90 -15.73 44.16
C LEU F 71 15.74 -16.99 45.02
N LYS F 72 15.37 -16.80 46.28
CA LYS F 72 15.17 -17.91 47.21
C LYS F 72 13.95 -18.75 46.82
N GLN F 73 12.89 -18.08 46.37
CA GLN F 73 11.61 -18.70 45.99
C GLN F 73 11.69 -19.48 44.70
N TYR F 74 12.49 -18.95 43.77
CA TYR F 74 12.72 -19.60 42.50
C TYR F 74 14.23 -19.81 42.30
N PRO F 75 14.74 -21.01 42.67
CA PRO F 75 16.19 -21.29 42.66
C PRO F 75 16.81 -21.13 41.27
N TYR F 76 15.96 -21.24 40.26
CA TYR F 76 16.39 -21.34 38.90
C TYR F 76 17.16 -20.15 38.37
N LEU F 77 17.04 -19.01 39.04
CA LEU F 77 17.61 -17.76 38.52
C LEU F 77 18.87 -17.37 39.27
N ASN F 78 19.18 -18.14 40.30
CA ASN F 78 20.42 -18.00 41.06
C ASN F 78 21.29 -19.26 40.87
N ALA F 79 21.73 -19.45 39.63
CA ALA F 79 22.65 -20.53 39.30
C ALA F 79 23.60 -20.11 38.19
N ILE F 80 24.68 -20.87 38.06
CA ILE F 80 25.76 -20.55 37.14
C ILE F 80 25.92 -21.71 36.12
N TYR F 81 26.43 -21.40 34.93
CA TYR F 81 26.35 -22.38 33.84
C TYR F 81 27.69 -23.08 33.44
N ASP F 82 28.08 -24.02 34.31
CA ASP F 82 28.77 -25.30 34.01
C ASP F 82 29.48 -25.63 32.68
N GLU F 83 30.68 -26.21 32.74
CA GLU F 83 31.30 -26.67 31.49
C GLU F 83 31.68 -28.15 31.38
N THR F 84 31.18 -28.94 32.33
CA THR F 84 31.03 -30.37 32.09
C THR F 84 29.77 -30.51 31.24
N ARG F 85 29.32 -29.36 30.73
CA ARG F 85 28.38 -29.27 29.61
C ARG F 85 26.91 -29.15 30.02
N ARG F 86 26.23 -30.28 30.22
CA ARG F 86 24.80 -30.25 30.57
C ARG F 86 24.61 -30.40 32.08
N VAL F 87 25.42 -29.66 32.84
CA VAL F 87 25.39 -29.69 34.30
C VAL F 87 24.54 -28.54 34.86
N TYR F 88 24.47 -28.42 36.19
CA TYR F 88 23.50 -27.52 36.82
C TYR F 88 24.05 -26.31 37.57
N ILE F 89 24.66 -26.58 38.72
CA ILE F 89 25.09 -25.58 39.70
C ILE F 89 23.90 -24.72 40.15
N LEU F 90 23.09 -25.30 41.04
CA LEU F 90 22.07 -24.53 41.72
C LEU F 90 22.77 -23.80 42.86
N LYS F 91 23.05 -22.52 42.65
CA LYS F 91 23.79 -21.74 43.62
C LYS F 91 22.83 -21.25 44.71
N LYS F 92 23.11 -21.62 45.97
CA LYS F 92 22.22 -21.35 47.12
C LYS F 92 22.66 -20.15 47.97
N TYR F 93 23.97 -19.93 48.12
CA TYR F 93 24.47 -18.72 48.82
C TYR F 93 24.32 -17.51 47.91
N TYR F 94 23.89 -16.38 48.47
CA TYR F 94 23.49 -15.25 47.65
C TYR F 94 24.50 -14.09 47.60
N ASN F 95 25.35 -14.14 46.57
CA ASN F 95 26.41 -13.17 46.34
C ASN F 95 26.11 -12.40 45.06
N ILE F 96 25.60 -11.18 45.23
CA ILE F 96 25.06 -10.42 44.11
C ILE F 96 26.11 -9.47 43.49
N GLY F 97 26.16 -9.43 42.15
CA GLY F 97 27.04 -8.49 41.43
C GLY F 97 26.37 -7.19 40.97
N ILE F 98 27.18 -6.15 40.70
CA ILE F 98 26.71 -4.82 40.23
C ILE F 98 27.55 -4.19 39.08
N ALA F 99 26.87 -3.65 38.06
CA ALA F 99 27.52 -3.11 36.84
C ALA F 99 27.80 -1.64 36.96
N VAL F 100 29.08 -1.31 37.05
CA VAL F 100 29.54 0.02 37.40
C VAL F 100 30.46 0.58 36.32
N ASP F 101 30.27 1.86 35.99
CA ASP F 101 31.01 2.47 34.88
C ASP F 101 32.37 3.09 35.26
N THR F 102 33.45 2.57 34.68
CA THR F 102 34.79 3.09 34.91
C THR F 102 35.37 3.62 33.60
N PRO F 103 36.28 4.62 33.66
CA PRO F 103 36.90 5.10 32.42
C PRO F 103 37.52 3.98 31.55
N ASP F 104 37.61 2.76 32.09
CA ASP F 104 38.09 1.53 31.40
C ASP F 104 37.02 0.85 30.55
N GLY F 105 35.82 0.77 31.13
CA GLY F 105 34.69 0.02 30.61
C GLY F 105 33.82 -0.41 31.78
N LEU F 106 32.59 -0.82 31.47
CA LEU F 106 31.61 -1.40 32.42
C LEU F 106 32.22 -2.54 33.29
N ASN F 107 32.34 -2.32 34.61
CA ASN F 107 32.94 -3.31 35.56
C ASN F 107 31.96 -4.08 36.47
N VAL F 108 32.49 -5.12 37.08
CA VAL F 108 31.73 -6.13 37.82
C VAL F 108 32.29 -6.19 39.25
N PHE F 109 31.42 -6.23 40.26
CA PHE F 109 31.85 -6.55 41.66
C PHE F 109 30.71 -7.09 42.51
N VAL F 110 31.04 -8.01 43.41
CA VAL F 110 30.02 -8.72 44.20
C VAL F 110 29.74 -8.12 45.59
N ILE F 111 28.56 -8.43 46.13
CA ILE F 111 28.27 -8.21 47.54
C ILE F 111 28.26 -9.56 48.22
N LYS F 112 29.46 -9.97 48.62
CA LYS F 112 29.65 -11.22 49.33
C LYS F 112 28.65 -11.32 50.47
N ASP F 113 27.82 -12.37 50.42
CA ASP F 113 26.75 -12.62 51.38
C ASP F 113 25.87 -11.39 51.57
N ALA F 114 24.90 -11.27 50.68
CA ALA F 114 23.97 -10.15 50.71
C ALA F 114 22.84 -10.39 51.72
N ASP F 115 22.61 -11.66 52.08
CA ASP F 115 21.42 -12.04 52.84
C ASP F 115 21.45 -11.78 54.35
N ARG F 116 22.61 -11.51 54.95
CA ARG F 116 22.67 -11.05 56.38
C ARG F 116 23.22 -9.61 56.57
N LYS F 117 23.12 -8.82 55.49
CA LYS F 117 23.52 -7.38 55.41
C LYS F 117 22.34 -6.42 55.08
N SER F 118 22.31 -5.24 55.72
CA SER F 118 21.15 -4.33 55.63
C SER F 118 21.17 -3.31 54.50
N MET F 119 20.07 -2.58 54.36
CA MET F 119 19.82 -1.61 53.31
C MET F 119 20.91 -0.55 53.18
N VAL F 120 21.22 0.11 54.28
CA VAL F 120 22.20 1.20 54.27
C VAL F 120 23.60 0.60 54.11
N GLU F 121 23.81 -0.56 54.76
CA GLU F 121 25.09 -1.28 54.72
C GLU F 121 25.55 -1.53 53.31
N ILE F 122 24.69 -2.18 52.53
CA ILE F 122 25.02 -2.56 51.15
C ILE F 122 25.10 -1.33 50.25
N SER F 123 24.22 -0.36 50.51
CA SER F 123 24.20 0.91 49.79
C SER F 123 25.47 1.69 50.03
N ALA F 124 26.09 1.47 51.19
CA ALA F 124 27.39 2.05 51.50
C ALA F 124 28.47 1.25 50.79
N GLU F 125 28.39 -0.08 50.91
CA GLU F 125 29.34 -0.98 50.23
C GLU F 125 29.46 -0.70 48.75
N ILE F 126 28.35 -0.30 48.11
CA ILE F 126 28.34 -0.04 46.66
C ILE F 126 29.21 1.18 46.30
N SER F 127 28.96 2.32 46.94
CA SER F 127 29.72 3.54 46.65
C SER F 127 31.18 3.45 47.11
N ASP F 128 31.44 2.54 48.06
CA ASP F 128 32.82 2.20 48.48
C ASP F 128 33.54 1.54 47.32
N LYS F 129 32.98 0.43 46.84
CA LYS F 129 33.63 -0.37 45.80
C LYS F 129 33.55 0.29 44.40
N ALA F 130 32.53 1.13 44.18
CA ALA F 130 32.37 1.87 42.93
C ALA F 130 33.49 2.88 42.76
N SER F 131 33.74 3.65 43.82
CA SER F 131 34.76 4.70 43.83
C SER F 131 36.18 4.13 43.66
N ARG F 132 36.37 2.88 44.07
CA ARG F 132 37.66 2.19 43.92
C ARG F 132 37.78 1.57 42.53
N ALA F 133 36.64 1.18 41.94
CA ALA F 133 36.58 0.77 40.54
C ALA F 133 36.81 1.96 39.62
N ARG F 134 36.36 3.15 40.06
CA ARG F 134 36.56 4.41 39.31
C ARG F 134 38.03 4.71 39.03
N GLU F 135 38.91 4.10 39.82
CA GLU F 135 40.36 4.31 39.71
C GLU F 135 41.16 3.00 39.82
N ASN F 136 40.60 1.93 39.24
CA ASN F 136 41.20 0.60 39.18
C ASN F 136 41.99 0.16 40.42
N LYS F 137 41.47 0.53 41.60
CA LYS F 137 41.95 0.00 42.88
C LYS F 137 40.82 -0.72 43.65
N LEU F 138 40.06 -1.51 42.89
CA LEU F 138 39.11 -2.49 43.39
C LEU F 138 39.95 -3.76 43.65
N GLN F 139 39.39 -4.76 44.32
CA GLN F 139 40.21 -5.93 44.70
C GLN F 139 39.69 -7.33 44.29
N LEU F 140 40.59 -8.31 44.26
CA LEU F 140 40.32 -9.68 43.76
C LEU F 140 39.06 -10.38 44.25
N ASP F 141 38.92 -10.54 45.58
CA ASP F 141 37.78 -11.22 46.19
C ASP F 141 36.46 -10.47 45.97
N GLU F 142 36.56 -9.18 45.68
CA GLU F 142 35.40 -8.30 45.45
C GLU F 142 34.75 -8.48 44.07
N VAL F 143 35.42 -9.19 43.17
CA VAL F 143 35.04 -9.14 41.77
C VAL F 143 34.54 -10.48 41.19
N GLN F 144 34.19 -11.44 42.05
CA GLN F 144 33.88 -12.81 41.57
C GLN F 144 32.89 -13.57 42.46
N ASP F 145 32.42 -14.71 41.99
CA ASP F 145 31.54 -15.57 42.79
C ASP F 145 30.10 -14.99 42.83
N SER F 146 29.80 -14.06 41.93
CA SER F 146 28.45 -13.51 41.77
C SER F 146 27.49 -14.56 41.22
N THR F 147 26.33 -14.68 41.85
CA THR F 147 25.33 -15.71 41.56
C THR F 147 24.21 -15.11 40.74
N PHE F 148 24.03 -13.81 40.96
CA PHE F 148 23.07 -13.04 40.24
C PHE F 148 23.63 -11.63 40.08
N THR F 149 23.08 -10.89 39.12
CA THR F 149 23.56 -9.54 38.86
C THR F 149 22.49 -8.51 38.43
N ILE F 150 22.78 -7.23 38.71
CA ILE F 150 21.92 -6.06 38.40
C ILE F 150 22.66 -4.93 37.66
N THR F 151 21.99 -4.25 36.72
CA THR F 151 22.55 -3.00 36.15
C THR F 151 21.58 -1.83 36.18
N ASN F 152 21.97 -0.79 36.89
CA ASN F 152 21.19 0.43 36.89
C ASN F 152 21.67 1.25 35.72
N VAL F 153 20.83 1.33 34.71
CA VAL F 153 21.03 2.22 33.58
C VAL F 153 20.14 3.48 33.73
N GLY F 154 19.18 3.41 34.66
CA GLY F 154 18.24 4.49 34.91
C GLY F 154 18.67 5.55 35.90
N THR F 155 19.97 5.58 36.18
CA THR F 155 20.60 6.79 36.72
C THR F 155 21.34 7.48 35.57
N ILE F 156 21.14 7.00 34.33
CA ILE F 156 21.63 7.65 33.09
C ILE F 156 20.44 8.01 32.17
N GLY F 157 19.38 7.21 32.27
CA GLY F 157 18.18 7.38 31.46
C GLY F 157 17.60 6.02 31.15
N GLY F 158 16.80 5.95 30.09
CA GLY F 158 16.27 4.67 29.65
C GLY F 158 14.93 4.33 30.26
N ILE F 159 13.98 3.98 29.40
CA ILE F 159 12.71 3.44 29.81
C ILE F 159 12.93 1.98 30.16
N MET F 160 13.62 1.26 29.26
CA MET F 160 13.90 -0.18 29.39
C MET F 160 14.99 -0.67 28.43
N SER F 161 15.53 -1.85 28.71
CA SER F 161 16.54 -2.45 27.86
C SER F 161 16.34 -3.96 27.69
N THR F 162 17.10 -4.55 26.77
CA THR F 162 17.37 -6.00 26.75
C THR F 162 18.80 -6.17 27.27
N PRO F 163 18.97 -6.32 28.60
CA PRO F 163 20.33 -6.44 29.15
C PRO F 163 20.89 -7.84 28.91
N ILE F 164 22.20 -7.91 28.76
CA ILE F 164 22.89 -9.17 28.54
C ILE F 164 23.36 -9.71 29.91
N ILE F 165 23.02 -10.96 30.22
CA ILE F 165 23.45 -11.63 31.47
C ILE F 165 24.96 -11.45 31.66
N ASN F 166 25.40 -11.09 32.87
CA ASN F 166 26.79 -11.29 33.19
C ASN F 166 27.00 -12.81 33.17
N TYR F 167 27.72 -13.29 32.15
CA TYR F 167 28.04 -14.70 32.00
C TYR F 167 29.23 -15.05 32.87
N PRO F 168 29.19 -16.24 33.50
CA PRO F 168 28.20 -17.28 33.29
C PRO F 168 27.10 -17.38 34.33
N GLU F 169 26.34 -16.33 34.56
CA GLU F 169 25.19 -16.46 35.46
C GLU F 169 24.04 -17.09 34.71
N VAL F 170 22.82 -16.87 35.17
CA VAL F 170 21.68 -17.47 34.49
C VAL F 170 20.53 -16.45 34.32
N ALA F 171 20.66 -15.30 34.99
CA ALA F 171 19.73 -14.18 34.88
C ALA F 171 20.39 -12.82 35.20
N ILE F 172 19.68 -11.72 34.94
CA ILE F 172 20.13 -10.36 35.27
C ILE F 172 18.88 -9.48 35.43
N LEU F 173 19.04 -8.24 35.94
CA LEU F 173 17.93 -7.26 36.05
C LEU F 173 18.32 -5.83 35.67
N GLY F 174 17.65 -5.27 34.67
CA GLY F 174 17.94 -3.93 34.20
C GLY F 174 17.03 -2.88 34.83
N VAL F 175 17.61 -1.99 35.62
CA VAL F 175 16.84 -0.92 36.24
C VAL F 175 16.92 0.30 35.35
N HIS F 176 15.93 1.18 35.48
CA HIS F 176 15.81 2.36 34.62
C HIS F 176 15.37 3.59 35.36
N ARG F 177 15.04 4.67 34.63
CA ARG F 177 14.64 5.93 35.25
C ARG F 177 13.19 5.83 35.70
N ILE F 178 12.86 6.58 36.75
CA ILE F 178 11.47 6.79 37.18
C ILE F 178 10.76 7.66 36.15
N LEU F 179 9.45 7.50 36.02
CA LEU F 179 8.74 8.19 34.94
C LEU F 179 7.91 9.38 35.41
N GLU F 180 6.94 9.12 36.29
CA GLU F 180 5.93 10.09 36.74
C GLU F 180 4.67 10.09 35.84
N ARG F 181 3.93 8.97 35.92
CA ARG F 181 2.79 8.66 35.04
C ARG F 181 1.73 9.74 35.13
N GLU F 182 1.04 9.77 36.28
CA GLU F 182 0.10 10.82 36.63
C GLU F 182 -0.70 10.41 37.86
N GLY F 183 -0.37 10.97 39.02
CA GLY F 183 0.84 11.77 39.21
C GLY F 183 1.74 10.87 40.01
N ARG F 184 2.18 9.78 39.37
CA ARG F 184 2.76 8.62 40.06
C ARG F 184 4.16 8.33 39.55
N LYS F 185 5.04 7.90 40.47
CA LYS F 185 6.43 7.56 40.14
C LYS F 185 6.60 6.15 39.58
N TYR F 186 6.64 6.03 38.26
CA TYR F 186 6.83 4.72 37.64
C TYR F 186 8.17 4.60 36.96
N MET F 187 8.65 3.36 36.95
CA MET F 187 9.89 2.94 36.33
C MET F 187 9.66 1.53 35.81
N TYR F 188 10.32 1.21 34.71
CA TYR F 188 10.22 -0.14 34.19
C TYR F 188 11.42 -0.97 34.67
N LEU F 189 11.16 -2.24 35.01
CA LEU F 189 12.21 -3.17 35.38
C LEU F 189 12.19 -4.34 34.44
N SER F 190 13.35 -4.62 33.84
CA SER F 190 13.51 -5.78 32.94
C SER F 190 14.39 -6.93 33.48
N LEU F 191 13.96 -8.15 33.19
CA LEU F 191 14.70 -9.36 33.51
C LEU F 191 15.10 -10.07 32.21
N SER F 192 16.39 -10.45 32.10
CA SER F 192 16.88 -11.29 30.99
C SER F 192 17.48 -12.57 31.56
N CYS F 193 17.30 -13.69 30.87
CA CYS F 193 17.74 -14.97 31.40
C CYS F 193 18.10 -16.00 30.34
N ASP F 194 18.78 -17.07 30.76
CA ASP F 194 19.01 -18.23 29.91
C ASP F 194 17.70 -18.98 29.78
N HIS F 195 17.24 -19.12 28.55
CA HIS F 195 15.96 -19.72 28.30
C HIS F 195 16.03 -21.22 28.22
N ARG F 196 16.88 -21.80 29.05
CA ARG F 196 17.01 -23.23 29.05
C ARG F 196 16.80 -23.73 30.46
N LEU F 197 17.68 -23.32 31.38
CA LEU F 197 17.55 -23.66 32.82
C LEU F 197 16.42 -22.82 33.50
N ILE F 198 15.76 -21.99 32.67
CA ILE F 198 14.71 -21.01 33.05
C ILE F 198 13.60 -21.03 31.99
N ASP F 199 12.37 -21.30 32.41
CA ASP F 199 11.20 -21.33 31.51
C ASP F 199 10.73 -19.96 30.96
N GLY F 200 9.68 -19.97 30.14
CA GLY F 200 9.03 -18.76 29.66
C GLY F 200 8.33 -18.09 30.82
N ALA F 201 7.42 -18.83 31.44
CA ALA F 201 6.61 -18.34 32.56
C ALA F 201 7.45 -18.00 33.80
N VAL F 202 8.16 -18.99 34.34
CA VAL F 202 8.90 -18.84 35.61
C VAL F 202 9.82 -17.61 35.64
N ALA F 203 10.13 -17.06 34.47
CA ALA F 203 10.93 -15.84 34.40
C ALA F 203 10.10 -14.65 34.84
N THR F 204 8.86 -14.56 34.34
CA THR F 204 7.95 -13.47 34.72
C THR F 204 7.40 -13.69 36.13
N ARG F 205 6.96 -14.92 36.38
CA ARG F 205 6.52 -15.42 37.68
C ARG F 205 7.32 -14.84 38.82
N PHE F 206 8.63 -14.78 38.59
CA PHE F 206 9.64 -14.22 39.48
C PHE F 206 9.48 -12.71 39.63
N ILE F 207 9.51 -11.97 38.52
CA ILE F 207 9.45 -10.50 38.59
C ILE F 207 8.08 -9.90 38.96
N VAL F 208 7.02 -10.72 38.92
CA VAL F 208 5.73 -10.27 39.44
C VAL F 208 5.73 -10.39 40.95
N ASP F 209 6.37 -11.45 41.44
CA ASP F 209 6.54 -11.58 42.87
C ASP F 209 7.54 -10.58 43.42
N LEU F 210 8.49 -10.15 42.60
CA LEU F 210 9.37 -9.07 43.00
C LEU F 210 8.66 -7.71 42.97
N LYS F 211 7.96 -7.41 41.88
CA LYS F 211 7.22 -6.16 41.76
C LYS F 211 6.38 -5.93 43.00
N LYS F 212 5.77 -6.99 43.52
CA LYS F 212 4.89 -6.89 44.68
C LYS F 212 5.62 -6.61 46.01
N VAL F 213 6.92 -6.89 46.04
CA VAL F 213 7.76 -6.57 47.20
C VAL F 213 8.52 -5.24 47.00
N ILE F 214 8.12 -4.48 45.99
CA ILE F 214 8.43 -3.03 45.86
C ILE F 214 7.07 -2.29 45.80
N GLU F 215 6.04 -2.98 45.28
CA GLU F 215 4.63 -2.53 45.26
C GLU F 215 4.09 -2.45 46.70
N ASP F 216 4.62 -3.33 47.56
CA ASP F 216 4.51 -3.18 49.03
C ASP F 216 5.89 -3.35 49.71
N PRO F 217 6.73 -2.27 49.68
CA PRO F 217 8.01 -2.33 50.38
C PRO F 217 7.84 -2.18 51.90
N ASN F 218 6.58 -2.24 52.38
CA ASN F 218 6.31 -2.29 53.81
C ASN F 218 6.03 -3.71 54.34
N ALA F 219 5.16 -4.46 53.68
CA ALA F 219 4.86 -5.83 54.11
C ALA F 219 5.49 -6.87 53.19
#